data_4NCJ
#
_entry.id   4NCJ
#
_cell.length_a   83.020
_cell.length_b   108.482
_cell.length_c   148.744
_cell.angle_alpha   90.000
_cell.angle_beta   90.000
_cell.angle_gamma   90.000
#
_symmetry.space_group_name_H-M   'P 21 21 21'
#
loop_
_entity.id
_entity.type
_entity.pdbx_description
1 polymer 'DNA double-strand break repair Rad50 ATPase'
2 non-polymer "ADENOSINE-5'-DIPHOSPHATE"
3 non-polymer 'BERYLLIUM TRIFLUORIDE ION'
4 non-polymer 'MAGNESIUM ION'
5 water water
#
_entity_poly.entity_id   1
_entity_poly.type   'polypeptide(L)'
_entity_poly.pdbx_seq_one_letter_code
;MKLERVTVKNFRSHSDTVVEFKEGINLIIGQNGSGKSSLLDAILVGLYWPLRIKDIKKDEFTKVGARDTYIDLIFEKDGT
KYRITRRFLKGYSSGEIHAMKRLVGNEWKHVTEPSSKAISAFMEKLIPYNIFLNAIYIRQGQIDAILESDEAREKVVREV
LNLDKFETAYKKLSELKGGSGGTEELIEKVKKYKALAREAALSKIGELASEIFAEFTEGKYSEVVVRAEENKVRLFVVWE
GKERPLTFLSGGERIALGLAFELAMSLYLAGEISLLILDEPTPYLDEERRRKLITIMERYLKKIPQVILVSHDEELKDAA
DHVIRISLENGSSKVEVVS
;
_entity_poly.pdbx_strand_id   A,B,C,D
#
# COMPACT_ATOMS: atom_id res chain seq x y z
N MET A 1 -0.08 8.70 5.93
CA MET A 1 1.16 9.05 6.66
C MET A 1 1.60 7.85 7.50
N LYS A 2 2.90 7.55 7.50
CA LYS A 2 3.41 6.44 8.31
C LYS A 2 4.77 6.73 8.96
N LEU A 3 4.87 6.56 10.30
CA LEU A 3 6.14 6.79 11.00
C LEU A 3 7.04 5.56 10.95
N GLU A 4 8.29 5.73 10.52
CA GLU A 4 9.18 4.59 10.41
C GLU A 4 10.18 4.57 11.55
N ARG A 5 10.81 5.71 11.80
CA ARG A 5 11.91 5.73 12.74
C ARG A 5 12.01 7.05 13.43
N VAL A 6 12.15 6.99 14.75
CA VAL A 6 12.44 8.17 15.54
C VAL A 6 13.73 7.96 16.33
N THR A 7 14.68 8.90 16.17
CA THR A 7 15.95 8.90 16.87
C THR A 7 16.06 10.19 17.70
N VAL A 8 16.32 10.04 18.99
CA VAL A 8 16.28 11.15 19.93
C VAL A 8 17.56 11.08 20.77
N LYS A 9 18.28 12.20 20.84
CA LYS A 9 19.42 12.32 21.74
C LYS A 9 19.28 13.56 22.61
N ASN A 10 19.39 13.35 23.92
CA ASN A 10 19.34 14.42 24.90
C ASN A 10 18.10 15.26 24.82
N PHE A 11 16.97 14.57 24.81
CA PHE A 11 15.64 15.20 24.87
C PHE A 11 14.91 14.73 26.12
N ARG A 12 14.73 15.65 27.05
CA ARG A 12 14.23 15.32 28.37
C ARG A 12 15.00 14.10 28.92
N SER A 13 14.32 13.00 29.21
CA SER A 13 14.94 11.85 29.87
C SER A 13 15.68 10.92 28.90
N HIS A 14 15.56 11.18 27.61
CA HIS A 14 16.19 10.35 26.59
C HIS A 14 17.63 10.82 26.32
N SER A 15 18.61 10.03 26.72
CA SER A 15 19.99 10.38 26.36
C SER A 15 20.28 9.90 24.95
N ASP A 16 19.84 8.69 24.63
CA ASP A 16 20.09 8.12 23.31
C ASP A 16 19.09 7.02 22.99
N THR A 17 18.06 7.37 22.23
CA THR A 17 16.95 6.47 21.96
C THR A 17 16.66 6.34 20.46
N VAL A 18 16.45 5.10 20.01
N VAL A 18 16.50 5.10 20.02
CA VAL A 18 15.99 4.82 18.65
CA VAL A 18 15.95 4.83 18.70
C VAL A 18 14.76 3.92 18.71
C VAL A 18 14.67 4.04 18.91
N VAL A 19 13.65 4.37 18.13
CA VAL A 19 12.41 3.58 18.08
C VAL A 19 11.98 3.33 16.63
N GLU A 20 11.81 2.05 16.28
N GLU A 20 11.75 2.06 16.31
CA GLU A 20 11.28 1.64 15.00
CA GLU A 20 11.28 1.67 14.98
C GLU A 20 9.79 1.40 15.18
C GLU A 20 9.81 1.28 15.04
N PHE A 21 8.97 2.09 14.40
CA PHE A 21 7.53 1.88 14.42
C PHE A 21 7.10 1.11 13.20
N LYS A 22 6.08 0.29 13.37
CA LYS A 22 5.65 -0.62 12.32
C LYS A 22 4.14 -0.45 12.07
N GLU A 23 3.60 -1.28 11.20
CA GLU A 23 2.16 -1.25 10.94
C GLU A 23 1.41 -1.80 12.17
N GLY A 24 0.15 -1.41 12.32
CA GLY A 24 -0.67 -1.93 13.41
C GLY A 24 -0.51 -1.11 14.68
N ILE A 25 -0.94 -1.69 15.81
CA ILE A 25 -0.89 -0.97 17.07
C ILE A 25 0.49 -1.10 17.69
N ASN A 26 1.19 0.03 17.79
CA ASN A 26 2.51 0.08 18.40
C ASN A 26 2.28 0.62 19.81
N LEU A 27 2.38 -0.25 20.81
CA LEU A 27 2.15 0.15 22.20
C LEU A 27 3.48 0.45 22.89
N ILE A 28 3.62 1.65 23.43
CA ILE A 28 4.76 1.98 24.26
C ILE A 28 4.28 1.98 25.72
N ILE A 29 4.81 1.02 26.48
CA ILE A 29 4.42 0.79 27.86
C ILE A 29 5.57 1.09 28.82
N GLY A 30 5.22 1.74 29.92
CA GLY A 30 6.18 2.08 30.97
C GLY A 30 5.55 2.87 32.11
N GLN A 31 6.25 2.90 33.24
CA GLN A 31 5.74 3.56 34.45
C GLN A 31 5.71 5.07 34.31
N ASN A 32 5.07 5.73 35.25
CA ASN A 32 5.11 7.19 35.31
C ASN A 32 6.58 7.67 35.29
N GLY A 33 6.86 8.69 34.50
CA GLY A 33 8.16 9.32 34.45
C GLY A 33 9.29 8.56 33.76
N SER A 34 8.95 7.61 32.88
CA SER A 34 9.96 6.74 32.26
C SER A 34 10.45 7.29 30.92
N GLY A 35 9.63 8.14 30.29
CA GLY A 35 10.01 8.80 29.07
C GLY A 35 9.07 8.64 27.88
N LYS A 36 7.85 8.20 28.13
CA LYS A 36 6.90 7.94 27.04
C LYS A 36 6.45 9.22 26.33
N SER A 37 5.85 10.16 27.05
CA SER A 37 5.37 11.37 26.41
C SER A 37 6.54 12.21 25.83
N SER A 38 7.73 12.07 26.39
CA SER A 38 8.88 12.80 25.85
C SER A 38 9.20 12.36 24.41
N LEU A 39 9.07 11.06 24.15
CA LEU A 39 9.25 10.54 22.80
C LEU A 39 8.23 11.13 21.81
N LEU A 40 6.94 11.11 22.20
CA LEU A 40 5.88 11.66 21.35
C LEU A 40 6.08 13.16 21.10
N ASP A 41 6.40 13.87 22.17
CA ASP A 41 6.65 15.31 22.01
C ASP A 41 7.91 15.59 21.18
N ALA A 42 8.90 14.70 21.24
CA ALA A 42 10.04 14.79 20.31
C ALA A 42 9.59 14.64 18.87
N ILE A 43 8.69 13.68 18.61
CA ILE A 43 8.10 13.63 17.27
C ILE A 43 7.48 14.97 16.85
N LEU A 44 6.62 15.50 17.72
CA LEU A 44 6.04 16.83 17.42
C LEU A 44 7.10 17.90 17.10
N VAL A 45 8.12 17.99 17.96
CA VAL A 45 9.18 18.97 17.74
C VAL A 45 9.88 18.70 16.41
N GLY A 46 10.16 17.44 16.16
CA GLY A 46 10.83 17.06 14.93
C GLY A 46 10.09 17.53 13.71
N LEU A 47 8.77 17.29 13.69
CA LEU A 47 7.97 17.71 12.53
C LEU A 47 7.75 19.22 12.43
N TYR A 48 7.43 19.89 13.53
CA TYR A 48 6.87 21.23 13.43
C TYR A 48 7.64 22.37 14.12
N TRP A 49 8.88 22.13 14.50
CA TRP A 49 9.63 23.20 15.12
C TRP A 49 9.82 24.33 14.09
N PRO A 50 9.67 25.58 14.52
CA PRO A 50 9.33 26.12 15.85
C PRO A 50 7.86 25.97 16.22
N LEU A 51 7.63 25.47 17.43
CA LEU A 51 6.28 25.40 18.00
C LEU A 51 6.11 26.59 18.92
N ARG A 52 4.85 26.88 19.23
CA ARG A 52 4.52 27.94 20.18
C ARG A 52 3.61 27.31 21.22
N ILE A 53 4.08 26.22 21.79
CA ILE A 53 3.38 25.55 22.88
C ILE A 53 4.10 25.87 24.19
N LYS A 54 3.35 26.38 25.16
CA LYS A 54 3.91 26.95 26.37
C LYS A 54 4.74 25.95 27.18
N ASP A 55 4.35 24.68 27.20
CA ASP A 55 5.04 23.72 28.05
C ASP A 55 6.21 23.01 27.35
N ILE A 56 6.47 23.36 26.08
CA ILE A 56 7.61 22.82 25.34
C ILE A 56 8.60 23.95 24.98
N LYS A 57 9.73 23.99 25.67
CA LYS A 57 10.70 25.07 25.49
C LYS A 57 12.09 24.54 25.23
N LYS A 58 12.70 25.09 24.18
CA LYS A 58 14.00 24.66 23.69
C LYS A 58 15.01 24.51 24.84
N ASP A 59 15.03 25.50 25.73
CA ASP A 59 16.02 25.53 26.80
C ASP A 59 15.68 24.65 27.97
N GLU A 60 14.47 24.11 27.97
CA GLU A 60 14.08 23.17 29.00
C GLU A 60 14.29 21.75 28.52
N PHE A 61 13.95 21.47 27.27
CA PHE A 61 13.94 20.09 26.86
C PHE A 61 15.32 19.46 26.61
N THR A 62 16.38 20.25 26.54
CA THR A 62 17.72 19.70 26.44
C THR A 62 18.03 18.91 27.72
N LYS A 63 18.39 17.64 27.59
CA LYS A 63 18.62 16.78 28.77
C LYS A 63 19.65 17.41 29.72
N VAL A 64 19.35 17.40 31.01
CA VAL A 64 20.25 17.98 31.99
C VAL A 64 21.62 17.33 31.85
N GLY A 65 22.64 18.18 31.80
CA GLY A 65 24.02 17.72 31.70
C GLY A 65 24.57 17.76 30.29
N ALA A 66 23.69 17.87 29.29
CA ALA A 66 24.10 17.89 27.89
C ALA A 66 23.91 19.26 27.28
N ARG A 67 24.54 19.45 26.12
CA ARG A 67 24.44 20.71 25.38
C ARG A 67 23.62 20.54 24.09
N ASP A 68 23.85 19.43 23.39
CA ASP A 68 23.28 19.24 22.06
C ASP A 68 22.07 18.30 22.08
N THR A 69 20.95 18.73 21.51
CA THR A 69 19.80 17.86 21.31
C THR A 69 19.69 17.47 19.83
N TYR A 70 19.35 16.22 19.58
CA TYR A 70 19.24 15.72 18.22
C TYR A 70 17.93 14.97 18.08
N ILE A 71 17.16 15.34 17.07
CA ILE A 71 15.94 14.59 16.72
C ILE A 71 15.94 14.24 15.23
N ASP A 72 15.70 12.97 14.92
CA ASP A 72 15.68 12.50 13.54
C ASP A 72 14.48 11.61 13.32
N LEU A 73 13.69 11.98 12.31
CA LEU A 73 12.43 11.30 12.03
C LEU A 73 12.41 10.85 10.58
N ILE A 74 12.12 9.57 10.39
CA ILE A 74 11.90 9.06 9.05
C ILE A 74 10.41 8.74 8.98
N PHE A 75 9.76 9.25 7.94
CA PHE A 75 8.36 8.90 7.71
C PHE A 75 7.96 8.84 6.23
N GLU A 76 6.83 8.20 5.98
CA GLU A 76 6.27 8.08 4.62
C GLU A 76 5.00 8.92 4.49
N LYS A 77 4.85 9.59 3.35
CA LYS A 77 3.61 10.29 3.02
C LYS A 77 3.36 10.27 1.51
N ASP A 78 2.25 9.66 1.11
CA ASP A 78 1.83 9.61 -0.30
C ASP A 78 2.85 8.90 -1.17
N GLY A 79 3.46 7.85 -0.64
CA GLY A 79 4.41 7.06 -1.40
C GLY A 79 5.85 7.56 -1.37
N THR A 80 6.10 8.70 -0.73
CA THR A 80 7.46 9.24 -0.65
C THR A 80 8.01 9.17 0.78
N LYS A 81 9.24 8.67 0.90
CA LYS A 81 9.94 8.64 2.18
C LYS A 81 10.69 9.95 2.47
N TYR A 82 10.47 10.48 3.68
CA TYR A 82 10.98 11.77 4.10
C TYR A 82 11.80 11.61 5.37
N ARG A 83 12.81 12.46 5.51
CA ARG A 83 13.67 12.41 6.67
C ARG A 83 13.87 13.84 7.15
N ILE A 84 13.50 14.08 8.40
CA ILE A 84 13.75 15.40 9.01
C ILE A 84 14.74 15.22 10.12
N THR A 85 15.77 16.08 10.09
CA THR A 85 16.82 16.06 11.11
C THR A 85 16.95 17.43 11.73
N ARG A 86 16.88 17.46 13.06
CA ARG A 86 17.05 18.71 13.81
C ARG A 86 18.11 18.60 14.91
N ARG A 87 19.03 19.57 14.92
CA ARG A 87 20.03 19.68 15.97
C ARG A 87 19.84 21.00 16.71
N PHE A 88 19.70 20.91 18.03
CA PHE A 88 19.50 22.07 18.87
C PHE A 88 20.73 22.26 19.77
N LEU A 89 21.20 23.51 19.86
CA LEU A 89 22.28 23.90 20.78
C LEU A 89 21.73 24.87 21.83
N LYS A 90 21.68 24.43 23.08
CA LYS A 90 21.06 25.18 24.18
C LYS A 90 21.70 26.53 24.44
N GLY A 91 20.87 27.53 24.72
CA GLY A 91 21.31 28.88 24.98
C GLY A 91 21.63 29.65 23.71
N TYR A 92 21.79 28.91 22.61
CA TYR A 92 22.22 29.48 21.34
C TYR A 92 21.16 29.02 20.33
N SER A 93 21.23 29.48 19.08
CA SER A 93 20.26 29.05 18.08
C SER A 93 20.75 29.21 16.64
N SER A 94 21.82 29.96 16.43
CA SER A 94 22.29 30.21 15.08
C SER A 94 23.10 29.03 14.55
N GLY A 95 23.84 28.34 15.43
CA GLY A 95 24.68 27.23 15.03
C GLY A 95 23.92 25.92 14.93
N GLU A 96 22.60 26.02 15.08
CA GLU A 96 21.74 24.86 15.05
C GLU A 96 21.20 24.68 13.63
N ILE A 97 21.06 23.42 13.20
CA ILE A 97 20.66 23.13 11.82
C ILE A 97 19.44 22.22 11.71
N HIS A 98 18.68 22.43 10.64
CA HIS A 98 17.44 21.73 10.40
C HIS A 98 17.48 21.35 8.94
N ALA A 99 17.21 20.08 8.64
CA ALA A 99 17.20 19.64 7.26
C ALA A 99 16.05 18.66 7.01
N MET A 100 15.48 18.75 5.81
CA MET A 100 14.45 17.83 5.40
C MET A 100 14.77 17.26 4.02
N LYS A 101 14.96 15.94 3.98
CA LYS A 101 15.31 15.26 2.77
C LYS A 101 14.20 14.30 2.36
N ARG A 102 14.27 13.86 1.12
CA ARG A 102 13.39 12.84 0.59
C ARG A 102 14.24 11.81 -0.11
N LEU A 103 13.71 10.60 -0.21
CA LEU A 103 14.38 9.52 -0.92
C LEU A 103 13.98 9.56 -2.39
N VAL A 104 14.91 9.98 -3.25
CA VAL A 104 14.72 10.01 -4.69
C VAL A 104 15.59 8.93 -5.29
N GLY A 105 14.99 7.79 -5.60
CA GLY A 105 15.75 6.61 -5.96
C GLY A 105 16.48 6.07 -4.74
N ASN A 106 17.81 6.14 -4.78
CA ASN A 106 18.64 5.70 -3.66
C ASN A 106 19.14 6.88 -2.85
N GLU A 107 19.47 7.97 -3.54
CA GLU A 107 20.02 9.14 -2.87
C GLU A 107 18.95 9.84 -2.03
N TRP A 108 19.37 10.40 -0.89
CA TRP A 108 18.51 11.29 -0.13
C TRP A 108 18.81 12.73 -0.53
N LYS A 109 17.77 13.48 -0.86
CA LYS A 109 17.91 14.81 -1.41
C LYS A 109 17.12 15.82 -0.60
N HIS A 110 17.74 16.96 -0.34
CA HIS A 110 17.08 18.05 0.34
C HIS A 110 15.83 18.45 -0.43
N VAL A 111 14.71 18.52 0.29
CA VAL A 111 13.44 18.90 -0.28
C VAL A 111 13.33 20.42 -0.35
N THR A 112 14.09 21.11 0.50
CA THR A 112 14.13 22.57 0.50
C THR A 112 15.43 23.08 1.13
N GLU A 113 15.56 24.41 1.28
CA GLU A 113 16.69 24.98 1.99
C GLU A 113 16.72 24.45 3.43
N PRO A 114 17.91 24.10 3.95
CA PRO A 114 17.93 23.54 5.30
C PRO A 114 17.78 24.65 6.34
N SER A 115 16.54 25.06 6.57
CA SER A 115 16.23 26.14 7.49
C SER A 115 14.84 25.90 8.06
N SER A 116 14.66 26.28 9.31
CA SER A 116 13.39 26.08 10.00
C SER A 116 12.22 26.65 9.20
N LYS A 117 12.36 27.87 8.70
CA LYS A 117 11.29 28.56 7.99
C LYS A 117 10.83 27.80 6.75
N ALA A 118 11.78 27.48 5.87
CA ALA A 118 11.47 26.78 4.63
C ALA A 118 10.92 25.37 4.87
N ILE A 119 11.49 24.69 5.85
CA ILE A 119 11.01 23.37 6.21
C ILE A 119 9.59 23.47 6.73
N SER A 120 9.33 24.46 7.59
CA SER A 120 8.00 24.67 8.13
C SER A 120 7.05 24.91 6.97
N ALA A 121 7.50 25.74 6.04
CA ALA A 121 6.71 26.03 4.85
C ALA A 121 6.37 24.75 4.10
N PHE A 122 7.36 23.89 3.90
CA PHE A 122 7.09 22.61 3.22
C PHE A 122 6.16 21.68 4.03
N MET A 123 6.41 21.58 5.33
CA MET A 123 5.67 20.68 6.19
C MET A 123 4.20 21.08 6.27
N GLU A 124 3.95 22.39 6.31
CA GLU A 124 2.57 22.87 6.33
C GLU A 124 1.83 22.52 5.05
N LYS A 125 2.55 22.46 3.93
CA LYS A 125 1.94 22.06 2.66
C LYS A 125 1.78 20.54 2.61
N LEU A 126 2.71 19.84 3.23
CA LEU A 126 2.67 18.36 3.29
C LEU A 126 1.59 17.82 4.25
N ILE A 127 1.61 18.29 5.50
CA ILE A 127 0.59 17.95 6.48
C ILE A 127 0.38 19.17 7.37
N PRO A 128 -0.77 19.85 7.23
CA PRO A 128 -1.01 21.03 8.06
C PRO A 128 -0.99 20.76 9.57
N TYR A 129 -0.23 21.59 10.27
CA TYR A 129 -0.05 21.53 11.72
C TYR A 129 -1.35 21.31 12.52
N ASN A 130 -2.41 21.99 12.13
CA ASN A 130 -3.69 21.86 12.84
C ASN A 130 -4.27 20.46 12.72
N ILE A 131 -4.18 19.88 11.54
CA ILE A 131 -4.58 18.50 11.34
C ILE A 131 -3.73 17.57 12.21
N PHE A 132 -2.42 17.80 12.29
CA PHE A 132 -1.58 16.95 13.14
C PHE A 132 -1.99 17.08 14.61
N LEU A 133 -2.08 18.30 15.13
CA LEU A 133 -2.40 18.46 16.55
C LEU A 133 -3.82 18.07 16.90
N ASN A 134 -4.76 18.28 15.98
CA ASN A 134 -6.16 18.05 16.29
C ASN A 134 -6.66 16.67 15.91
N ALA A 135 -6.11 16.12 14.83
CA ALA A 135 -6.62 14.88 14.25
C ALA A 135 -5.67 13.68 14.36
N ILE A 136 -4.36 13.92 14.42
CA ILE A 136 -3.40 12.81 14.44
C ILE A 136 -2.83 12.53 15.83
N TYR A 137 -2.25 13.54 16.45
CA TYR A 137 -1.56 13.42 17.75
C TYR A 137 -2.44 14.00 18.86
N ILE A 138 -2.95 13.10 19.71
CA ILE A 138 -3.71 13.50 20.89
C ILE A 138 -2.77 13.54 22.08
N ARG A 139 -2.31 14.73 22.45
CA ARG A 139 -1.33 14.88 23.55
C ARG A 139 -1.93 14.50 24.91
N GLN A 140 -1.07 14.13 25.85
CA GLN A 140 -1.54 13.75 27.17
C GLN A 140 -2.31 14.90 27.79
N GLY A 141 -3.48 14.60 28.33
CA GLY A 141 -4.36 15.62 28.87
C GLY A 141 -5.28 16.30 27.86
N GLN A 142 -5.22 15.91 26.58
CA GLN A 142 -6.01 16.59 25.55
C GLN A 142 -7.12 15.73 24.94
N ILE A 143 -7.43 14.60 25.57
CA ILE A 143 -8.48 13.71 25.08
C ILE A 143 -9.82 14.45 24.96
N ASP A 144 -10.10 15.34 25.90
CA ASP A 144 -11.38 16.03 25.96
C ASP A 144 -11.31 17.39 25.24
N ALA A 145 -10.21 17.66 24.54
CA ALA A 145 -10.05 18.97 23.91
C ALA A 145 -11.15 19.19 22.86
N ILE A 146 -11.58 18.12 22.22
CA ILE A 146 -12.60 18.23 21.19
C ILE A 146 -13.99 18.45 21.79
N LEU A 147 -14.11 18.41 23.11
CA LEU A 147 -15.38 18.70 23.77
C LEU A 147 -15.47 20.16 24.19
N GLU A 148 -14.44 20.92 23.87
CA GLU A 148 -14.26 22.28 24.37
C GLU A 148 -15.35 23.26 23.94
N SER A 149 -15.58 23.39 22.63
CA SER A 149 -16.54 24.39 22.12
C SER A 149 -17.03 24.08 20.71
N ASP A 150 -18.23 24.57 20.40
CA ASP A 150 -18.80 24.35 19.08
C ASP A 150 -17.94 24.96 17.98
N GLU A 151 -17.36 26.12 18.28
CA GLU A 151 -16.58 26.84 17.30
C GLU A 151 -15.26 26.13 16.99
N ALA A 152 -14.50 25.82 18.04
CA ALA A 152 -13.22 25.12 17.87
C ALA A 152 -13.42 23.82 17.10
N ARG A 153 -14.53 23.15 17.39
CA ARG A 153 -14.87 21.89 16.76
C ARG A 153 -15.16 22.15 15.28
N GLU A 154 -15.94 23.19 15.01
CA GLU A 154 -16.15 23.60 13.63
C GLU A 154 -14.80 23.85 12.94
N LYS A 155 -13.88 24.52 13.63
CA LYS A 155 -12.58 24.81 13.05
C LYS A 155 -11.83 23.52 12.69
N VAL A 156 -11.68 22.61 13.66
CA VAL A 156 -11.01 21.34 13.35
C VAL A 156 -11.72 20.54 12.22
N VAL A 157 -13.05 20.42 12.29
CA VAL A 157 -13.81 19.73 11.24
C VAL A 157 -13.53 20.34 9.85
N ARG A 158 -13.77 21.64 9.73
CA ARG A 158 -13.57 22.37 8.48
C ARG A 158 -12.15 22.14 7.97
N GLU A 159 -11.16 22.24 8.85
CA GLU A 159 -9.78 22.00 8.43
C GLU A 159 -9.59 20.55 7.98
N VAL A 160 -10.17 19.62 8.73
CA VAL A 160 -9.99 18.21 8.47
C VAL A 160 -10.60 17.74 7.16
N LEU A 161 -11.78 18.25 6.83
CA LEU A 161 -12.47 17.83 5.61
C LEU A 161 -12.03 18.61 4.37
N ASN A 162 -11.42 19.78 4.57
CA ASN A 162 -11.05 20.67 3.48
C ASN A 162 -12.23 20.99 2.56
N LEU A 163 -11.94 21.50 1.37
CA LEU A 163 -12.97 21.88 0.41
C LEU A 163 -13.73 20.66 -0.10
N LYS A 192 -24.39 18.80 -6.09
CA LYS A 192 -23.31 19.58 -5.50
C LYS A 192 -23.76 20.18 -4.16
N TYR A 193 -22.92 21.09 -3.63
CA TYR A 193 -23.15 21.83 -2.37
C TYR A 193 -22.17 21.34 -1.30
N LYS A 194 -21.35 22.26 -0.82
CA LYS A 194 -20.40 21.96 0.24
C LYS A 194 -21.14 21.47 1.49
N ALA A 195 -22.32 22.04 1.74
CA ALA A 195 -23.12 21.72 2.93
C ALA A 195 -23.58 20.26 2.98
N LEU A 196 -24.03 19.72 1.83
CA LEU A 196 -24.44 18.33 1.76
C LEU A 196 -23.27 17.39 2.10
N ALA A 197 -22.11 17.69 1.53
CA ALA A 197 -20.90 16.94 1.82
C ALA A 197 -20.56 17.01 3.30
N ARG A 198 -20.64 18.22 3.85
CA ARG A 198 -20.42 18.40 5.29
C ARG A 198 -21.38 17.54 6.13
N GLU A 199 -22.66 17.60 5.80
CA GLU A 199 -23.66 16.83 6.54
C GLU A 199 -23.39 15.34 6.46
N ALA A 200 -23.10 14.84 5.26
CA ALA A 200 -22.75 13.43 5.09
C ALA A 200 -21.52 13.05 5.92
N ALA A 201 -20.47 13.87 5.85
CA ALA A 201 -19.24 13.60 6.62
C ALA A 201 -19.48 13.55 8.14
N LEU A 202 -20.09 14.61 8.66
CA LEU A 202 -20.47 14.68 10.07
C LEU A 202 -21.38 13.53 10.47
N SER A 203 -22.30 13.18 9.58
CA SER A 203 -23.20 12.07 9.83
C SER A 203 -22.40 10.76 10.00
N LYS A 204 -21.47 10.51 9.09
CA LYS A 204 -20.64 9.31 9.21
C LYS A 204 -19.78 9.30 10.52
N ILE A 205 -19.14 10.44 10.82
CA ILE A 205 -18.38 10.53 12.06
C ILE A 205 -19.30 10.26 13.25
N GLY A 206 -20.49 10.85 13.24
CA GLY A 206 -21.46 10.63 14.31
C GLY A 206 -21.87 9.16 14.45
N GLU A 207 -22.13 8.50 13.33
CA GLU A 207 -22.41 7.08 13.35
C GLU A 207 -21.29 6.28 14.05
N LEU A 208 -20.07 6.47 13.54
CA LEU A 208 -18.93 5.78 14.12
C LEU A 208 -18.74 6.06 15.62
N ALA A 209 -18.82 7.34 15.97
CA ALA A 209 -18.64 7.74 17.35
C ALA A 209 -19.74 7.11 18.21
N SER A 210 -20.97 7.10 17.71
CA SER A 210 -22.08 6.50 18.46
C SER A 210 -21.80 5.03 18.73
N GLU A 211 -21.39 4.32 17.68
CA GLU A 211 -21.11 2.89 17.85
C GLU A 211 -20.04 2.70 18.95
N ILE A 212 -18.94 3.45 18.81
CA ILE A 212 -17.85 3.31 19.79
C ILE A 212 -18.30 3.68 21.21
N PHE A 213 -18.94 4.83 21.35
CA PHE A 213 -19.33 5.34 22.66
C PHE A 213 -20.38 4.45 23.32
N ALA A 214 -21.28 3.89 22.50
CA ALA A 214 -22.26 2.95 23.00
C ALA A 214 -21.56 1.69 23.48
N GLU A 215 -20.56 1.23 22.74
CA GLU A 215 -19.79 0.09 23.25
C GLU A 215 -19.11 0.47 24.57
N PHE A 216 -18.48 1.64 24.60
CA PHE A 216 -17.73 2.10 25.77
C PHE A 216 -18.59 2.21 27.03
N THR A 217 -19.83 2.66 26.88
CA THR A 217 -20.69 2.95 28.03
C THR A 217 -21.82 1.91 28.18
N GLU A 218 -21.65 0.75 27.56
CA GLU A 218 -22.62 -0.34 27.64
C GLU A 218 -24.08 0.11 27.41
N GLY A 219 -24.29 0.86 26.33
CA GLY A 219 -25.62 1.30 25.94
C GLY A 219 -26.22 2.37 26.84
N LYS A 220 -25.44 2.90 27.77
CA LYS A 220 -25.93 3.98 28.63
C LYS A 220 -26.31 5.17 27.75
N TYR A 221 -25.47 5.44 26.74
CA TYR A 221 -25.75 6.46 25.73
C TYR A 221 -25.82 5.86 24.33
N SER A 222 -26.96 6.07 23.69
CA SER A 222 -27.32 5.35 22.48
C SER A 222 -26.89 6.07 21.22
N GLU A 223 -26.41 7.29 21.37
CA GLU A 223 -25.98 8.05 20.23
C GLU A 223 -25.11 9.24 20.62
N VAL A 224 -24.18 9.56 19.73
CA VAL A 224 -23.41 10.78 19.79
C VAL A 224 -23.85 11.55 18.57
N VAL A 225 -24.41 12.73 18.77
CA VAL A 225 -24.95 13.53 17.69
C VAL A 225 -23.92 14.60 17.36
N VAL A 226 -23.47 14.63 16.11
CA VAL A 226 -22.56 15.65 15.62
C VAL A 226 -23.30 16.43 14.56
N ARG A 227 -23.62 17.69 14.83
CA ARG A 227 -24.50 18.46 13.96
C ARG A 227 -23.95 19.83 13.53
N ALA A 228 -24.01 20.11 12.24
CA ALA A 228 -23.67 21.43 11.70
C ALA A 228 -24.82 22.40 11.96
N GLU A 229 -24.49 23.58 12.48
CA GLU A 229 -25.49 24.59 12.80
C GLU A 229 -24.84 25.97 12.79
N GLU A 230 -24.94 26.67 11.66
CA GLU A 230 -24.23 27.94 11.49
C GLU A 230 -22.74 27.65 11.43
N ASN A 231 -21.92 28.61 11.88
CA ASN A 231 -20.47 28.41 11.95
C ASN A 231 -20.08 27.60 13.19
N LYS A 232 -20.83 26.52 13.43
CA LYS A 232 -20.68 25.72 14.63
C LYS A 232 -20.93 24.24 14.35
N VAL A 233 -20.19 23.37 15.03
CA VAL A 233 -20.46 21.94 15.00
C VAL A 233 -20.89 21.49 16.38
N ARG A 234 -22.19 21.32 16.56
CA ARG A 234 -22.76 20.89 17.83
C ARG A 234 -22.42 19.44 18.12
N LEU A 235 -22.31 19.13 19.40
CA LEU A 235 -22.02 17.79 19.85
C LEU A 235 -22.89 17.44 21.05
N PHE A 236 -23.75 16.43 20.90
CA PHE A 236 -24.63 16.00 21.99
C PHE A 236 -24.50 14.52 22.25
N VAL A 237 -24.98 14.10 23.42
CA VAL A 237 -25.09 12.69 23.72
C VAL A 237 -26.56 12.37 23.95
N VAL A 238 -27.01 11.21 23.47
CA VAL A 238 -28.38 10.79 23.67
C VAL A 238 -28.49 9.87 24.88
N TRP A 239 -29.33 10.26 25.82
CA TRP A 239 -29.58 9.51 27.07
C TRP A 239 -31.08 9.44 27.24
N GLU A 240 -31.61 8.24 27.49
CA GLU A 240 -33.06 7.99 27.53
C GLU A 240 -33.81 8.70 26.39
N GLY A 241 -33.31 8.50 25.17
CA GLY A 241 -34.05 8.90 23.98
C GLY A 241 -33.88 10.36 23.56
N LYS A 242 -33.27 11.19 24.40
CA LYS A 242 -33.13 12.61 24.08
C LYS A 242 -31.69 13.12 24.11
N GLU A 243 -31.41 14.07 23.21
CA GLU A 243 -30.12 14.75 23.17
C GLU A 243 -29.87 15.52 24.48
N ARG A 244 -28.65 15.40 25.01
CA ARG A 244 -28.24 16.08 26.23
C ARG A 244 -26.92 16.78 25.92
N PRO A 245 -26.66 17.90 26.62
CA PRO A 245 -25.38 18.61 26.51
C PRO A 245 -24.26 17.82 27.16
N LEU A 246 -23.03 18.15 26.78
CA LEU A 246 -21.87 17.45 27.27
C LEU A 246 -21.67 17.54 28.79
N THR A 247 -22.18 18.60 29.43
CA THR A 247 -22.06 18.72 30.88
C THR A 247 -22.80 17.58 31.59
N PHE A 248 -23.70 16.92 30.88
CA PHE A 248 -24.44 15.78 31.39
C PHE A 248 -23.49 14.65 31.80
N LEU A 249 -22.41 14.47 31.05
CA LEU A 249 -21.48 13.35 31.32
C LEU A 249 -20.75 13.49 32.65
N SER A 250 -20.36 12.35 33.21
CA SER A 250 -19.40 12.31 34.30
C SER A 250 -17.97 12.45 33.72
N GLY A 251 -16.95 12.59 34.57
CA GLY A 251 -15.58 12.80 34.07
C GLY A 251 -15.02 11.65 33.23
N GLY A 252 -15.21 10.45 33.76
CA GLY A 252 -14.83 9.23 33.04
C GLY A 252 -15.55 9.12 31.71
N GLU A 253 -16.81 9.55 31.71
CA GLU A 253 -17.61 9.46 30.50
C GLU A 253 -17.08 10.45 29.47
N ARG A 254 -16.66 11.62 29.91
N ARG A 254 -16.67 11.63 29.93
CA ARG A 254 -16.10 12.59 28.98
CA ARG A 254 -16.07 12.62 29.04
C ARG A 254 -14.82 12.03 28.37
C ARG A 254 -14.85 12.01 28.38
N ILE A 255 -14.03 11.35 29.18
CA ILE A 255 -12.88 10.62 28.61
C ILE A 255 -13.31 9.62 27.52
N ALA A 256 -14.29 8.75 27.85
CA ALA A 256 -14.80 7.79 26.86
C ALA A 256 -15.29 8.48 25.59
N LEU A 257 -15.98 9.59 25.74
CA LEU A 257 -16.53 10.30 24.60
C LEU A 257 -15.43 10.88 23.72
N GLY A 258 -14.44 11.50 24.37
CA GLY A 258 -13.32 12.04 23.63
C GLY A 258 -12.62 10.97 22.82
N LEU A 259 -12.34 9.84 23.48
CA LEU A 259 -11.76 8.69 22.78
C LEU A 259 -12.64 8.28 21.59
N ALA A 260 -13.93 8.14 21.83
CA ALA A 260 -14.86 7.72 20.79
C ALA A 260 -14.84 8.67 19.59
N PHE A 261 -14.88 9.97 19.86
CA PHE A 261 -14.89 10.97 18.78
C PHE A 261 -13.59 10.96 18.00
N GLU A 262 -12.46 10.99 18.70
CA GLU A 262 -11.18 10.94 17.99
C GLU A 262 -11.01 9.65 17.20
N LEU A 263 -11.45 8.52 17.75
CA LEU A 263 -11.36 7.28 17.00
C LEU A 263 -12.23 7.36 15.76
N ALA A 264 -13.47 7.88 15.91
CA ALA A 264 -14.40 8.05 14.78
C ALA A 264 -13.77 8.89 13.68
N MET A 265 -13.14 10.00 14.09
CA MET A 265 -12.41 10.84 13.15
C MET A 265 -11.27 10.10 12.48
N SER A 266 -10.47 9.38 13.26
CA SER A 266 -9.36 8.63 12.67
C SER A 266 -9.84 7.56 11.71
N LEU A 267 -10.96 6.91 12.03
CA LEU A 267 -11.49 5.87 11.17
C LEU A 267 -12.05 6.48 9.91
N TYR A 268 -12.80 7.56 10.06
CA TYR A 268 -13.36 8.24 8.88
C TYR A 268 -12.27 8.64 7.90
N LEU A 269 -11.12 9.07 8.43
CA LEU A 269 -10.00 9.51 7.62
C LEU A 269 -8.92 8.42 7.44
N ALA A 270 -9.28 7.18 7.75
CA ALA A 270 -8.32 6.07 7.76
C ALA A 270 -7.55 5.92 6.46
N GLY A 271 -8.20 6.22 5.35
CA GLY A 271 -7.58 6.07 4.04
C GLY A 271 -6.75 7.28 3.67
N GLU A 272 -6.98 8.40 4.37
CA GLU A 272 -6.33 9.65 4.02
C GLU A 272 -5.13 9.93 4.94
N ILE A 273 -5.32 9.75 6.23
CA ILE A 273 -4.30 10.08 7.22
C ILE A 273 -3.61 8.82 7.74
N SER A 274 -4.40 7.82 8.12
CA SER A 274 -3.91 6.46 8.39
C SER A 274 -3.04 6.32 9.64
N LEU A 275 -2.95 7.39 10.42
CA LEU A 275 -2.13 7.41 11.63
C LEU A 275 -2.84 8.07 12.80
N LEU A 276 -2.77 7.40 13.94
CA LEU A 276 -3.25 7.96 15.20
C LEU A 276 -2.18 7.72 16.26
N ILE A 277 -1.82 8.80 16.93
CA ILE A 277 -0.87 8.80 18.03
C ILE A 277 -1.68 9.25 19.23
N LEU A 278 -1.80 8.37 20.21
CA LEU A 278 -2.62 8.60 21.38
C LEU A 278 -1.81 8.43 22.66
N ASP A 279 -1.69 9.49 23.46
CA ASP A 279 -1.03 9.34 24.76
C ASP A 279 -2.07 8.84 25.76
N GLU A 280 -1.63 8.57 26.99
CA GLU A 280 -2.43 7.92 28.06
C GLU A 280 -3.95 7.97 27.89
N PRO A 281 -4.55 6.87 27.40
CA PRO A 281 -6.01 6.85 27.21
C PRO A 281 -6.79 6.52 28.48
N THR A 282 -6.13 6.23 29.59
CA THR A 282 -6.87 5.72 30.77
C THR A 282 -7.29 6.68 31.90
N PRO A 283 -7.06 8.00 31.78
CA PRO A 283 -7.38 8.78 32.99
C PRO A 283 -8.89 8.83 33.33
N TYR A 284 -9.22 8.74 34.62
CA TYR A 284 -10.59 8.78 35.14
C TYR A 284 -11.42 7.54 34.83
N LEU A 285 -10.85 6.62 34.04
CA LEU A 285 -11.61 5.42 33.68
C LEU A 285 -11.58 4.41 34.84
N ASP A 286 -12.74 3.88 35.21
CA ASP A 286 -12.76 2.83 36.22
C ASP A 286 -12.33 1.48 35.60
N GLU A 287 -12.27 0.45 36.41
CA GLU A 287 -11.81 -0.89 35.98
C GLU A 287 -12.55 -1.42 34.73
N GLU A 288 -13.88 -1.40 34.76
CA GLU A 288 -14.67 -1.90 33.63
C GLU A 288 -14.36 -1.14 32.35
N ARG A 289 -14.35 0.19 32.43
CA ARG A 289 -14.00 1.03 31.28
C ARG A 289 -12.58 0.70 30.78
N ARG A 290 -11.64 0.51 31.70
CA ARG A 290 -10.30 0.09 31.29
C ARG A 290 -10.35 -1.26 30.54
N ARG A 291 -11.17 -2.19 31.01
CA ARG A 291 -11.41 -3.44 30.24
C ARG A 291 -12.07 -3.19 28.86
N LYS A 292 -13.07 -2.32 28.81
CA LYS A 292 -13.70 -1.97 27.53
C LYS A 292 -12.71 -1.36 26.53
N LEU A 293 -11.79 -0.54 27.04
CA LEU A 293 -10.75 0.05 26.20
C LEU A 293 -10.03 -1.03 25.36
N ILE A 294 -9.70 -2.15 25.99
CA ILE A 294 -9.08 -3.28 25.30
C ILE A 294 -9.94 -3.81 24.14
N THR A 295 -11.24 -3.95 24.41
CA THR A 295 -12.20 -4.38 23.42
C THR A 295 -12.22 -3.38 22.25
N ILE A 296 -12.14 -2.10 22.61
CA ILE A 296 -12.17 -1.04 21.62
C ILE A 296 -10.88 -1.02 20.79
N MET A 297 -9.75 -1.29 21.44
CA MET A 297 -8.48 -1.47 20.73
C MET A 297 -8.64 -2.57 19.71
N GLU A 298 -9.13 -3.71 20.19
CA GLU A 298 -9.30 -4.87 19.35
C GLU A 298 -10.24 -4.61 18.15
N ARG A 299 -11.38 -3.97 18.42
N ARG A 299 -11.38 -3.98 18.41
CA ARG A 299 -12.41 -3.82 17.40
CA ARG A 299 -12.39 -3.83 17.37
C ARG A 299 -12.24 -2.60 16.48
C ARG A 299 -12.10 -2.65 16.43
N TYR A 300 -11.60 -1.55 16.98
CA TYR A 300 -11.47 -0.29 16.22
C TYR A 300 -10.03 0.15 15.91
N LEU A 301 -9.20 0.29 16.94
CA LEU A 301 -7.82 0.75 16.70
C LEU A 301 -7.12 -0.13 15.66
N LYS A 302 -7.55 -1.38 15.54
CA LYS A 302 -6.98 -2.28 14.54
C LYS A 302 -7.36 -1.92 13.10
N LYS A 303 -8.36 -1.06 12.92
CA LYS A 303 -8.75 -0.62 11.58
C LYS A 303 -7.95 0.58 11.09
N ILE A 304 -7.18 1.18 11.98
CA ILE A 304 -6.30 2.29 11.60
C ILE A 304 -4.92 1.74 11.24
N PRO A 305 -4.43 2.00 10.02
CA PRO A 305 -3.22 1.30 9.53
C PRO A 305 -2.01 1.41 10.46
N GLN A 306 -1.78 2.58 11.04
CA GLN A 306 -0.78 2.68 12.08
C GLN A 306 -1.34 3.38 13.30
N VAL A 307 -1.12 2.79 14.46
CA VAL A 307 -1.41 3.48 15.71
C VAL A 307 -0.20 3.42 16.63
N ILE A 308 0.11 4.57 17.20
CA ILE A 308 1.10 4.66 18.27
C ILE A 308 0.36 5.03 19.54
N LEU A 309 0.35 4.08 20.46
CA LEU A 309 -0.40 4.16 21.70
C LEU A 309 0.58 4.11 22.86
N VAL A 310 0.43 5.05 23.78
CA VAL A 310 1.33 5.18 24.91
C VAL A 310 0.53 5.03 26.19
N SER A 311 0.99 4.19 27.09
CA SER A 311 0.30 4.02 28.36
C SER A 311 1.17 3.43 29.47
N HIS A 312 0.76 3.62 30.73
CA HIS A 312 1.31 2.85 31.85
C HIS A 312 0.49 1.59 32.16
N ASP A 313 -0.62 1.40 31.44
CA ASP A 313 -1.53 0.29 31.74
C ASP A 313 -1.09 -0.98 31.02
N GLU A 314 -0.53 -1.93 31.78
CA GLU A 314 0.00 -3.19 31.29
C GLU A 314 -1.07 -4.08 30.65
N GLU A 315 -2.30 -3.94 31.13
CA GLU A 315 -3.43 -4.71 30.59
C GLU A 315 -3.54 -4.49 29.09
N LEU A 316 -3.03 -3.36 28.61
CA LEU A 316 -3.18 -3.06 27.19
C LEU A 316 -2.23 -3.84 26.27
N LYS A 317 -1.22 -4.50 26.85
CA LYS A 317 -0.24 -5.25 26.04
C LYS A 317 -0.78 -6.29 25.05
N ASP A 318 -1.70 -7.14 25.48
CA ASP A 318 -2.17 -8.25 24.66
C ASP A 318 -2.88 -7.80 23.38
N ALA A 319 -3.57 -6.67 23.42
CA ALA A 319 -4.32 -6.18 22.26
C ALA A 319 -3.45 -5.42 21.25
N ALA A 320 -2.18 -5.24 21.58
CA ALA A 320 -1.26 -4.52 20.70
C ALA A 320 -0.55 -5.48 19.74
N ASP A 321 -0.18 -4.97 18.57
CA ASP A 321 0.61 -5.69 17.58
C ASP A 321 2.14 -5.65 17.82
N HIS A 322 2.63 -4.54 18.37
CA HIS A 322 4.04 -4.38 18.68
C HIS A 322 4.20 -3.66 20.03
N VAL A 323 5.03 -4.19 20.91
CA VAL A 323 5.17 -3.64 22.23
C VAL A 323 6.59 -3.20 22.50
N ILE A 324 6.71 -1.95 22.93
CA ILE A 324 7.99 -1.35 23.29
C ILE A 324 7.96 -0.92 24.76
N ARG A 325 8.90 -1.42 25.56
CA ARG A 325 8.90 -1.14 26.99
C ARG A 325 9.94 -0.06 27.27
N ILE A 326 9.53 0.97 28.01
CA ILE A 326 10.45 2.02 28.40
C ILE A 326 10.53 2.05 29.91
N SER A 327 11.73 2.29 30.42
CA SER A 327 11.92 2.47 31.84
C SER A 327 13.02 3.48 32.09
N LEU A 328 13.06 4.02 33.29
CA LEU A 328 14.09 4.97 33.69
C LEU A 328 15.21 4.26 34.42
N GLU A 329 16.41 4.31 33.84
CA GLU A 329 17.61 3.73 34.44
C GLU A 329 18.68 4.79 34.67
N ASN A 330 19.06 4.96 35.93
CA ASN A 330 20.10 5.90 36.31
C ASN A 330 19.95 7.27 35.62
N GLY A 331 18.74 7.81 35.64
CA GLY A 331 18.48 9.15 35.12
C GLY A 331 18.15 9.24 33.63
N SER A 332 18.17 8.11 32.92
CA SER A 332 17.92 8.10 31.48
C SER A 332 16.95 6.98 31.04
N SER A 333 16.10 7.29 30.07
CA SER A 333 15.15 6.31 29.52
C SER A 333 15.91 5.18 28.85
N LYS A 334 15.42 3.96 29.06
CA LYS A 334 15.89 2.79 28.36
C LYS A 334 14.68 2.16 27.68
N VAL A 335 14.83 1.95 26.37
CA VAL A 335 13.80 1.40 25.52
C VAL A 335 14.14 -0.05 25.15
N GLU A 336 13.15 -0.94 25.26
CA GLU A 336 13.34 -2.37 25.05
C GLU A 336 12.26 -2.88 24.12
N VAL A 337 12.65 -3.33 22.94
CA VAL A 337 11.68 -3.91 22.03
C VAL A 337 11.25 -5.28 22.53
N VAL A 338 9.97 -5.42 22.84
CA VAL A 338 9.42 -6.69 23.31
C VAL A 338 8.96 -7.49 22.09
N SER A 339 8.29 -6.81 21.15
CA SER A 339 7.72 -7.47 19.98
C SER A 339 7.45 -6.41 18.89
N MET B 1 10.86 -27.85 -60.10
CA MET B 1 9.39 -27.74 -59.97
C MET B 1 8.95 -26.32 -60.32
N LYS B 2 7.81 -26.16 -60.99
CA LYS B 2 7.22 -24.83 -61.20
C LYS B 2 5.72 -24.89 -61.03
N LEU B 3 5.14 -24.00 -60.20
CA LEU B 3 3.69 -23.99 -60.01
C LEU B 3 3.09 -23.17 -61.12
N GLU B 4 1.95 -23.61 -61.66
CA GLU B 4 1.34 -22.89 -62.77
C GLU B 4 -0.02 -22.30 -62.42
N ARG B 5 -0.90 -23.14 -61.87
CA ARG B 5 -2.28 -22.73 -61.59
C ARG B 5 -2.76 -23.38 -60.31
N VAL B 6 -3.37 -22.58 -59.45
CA VAL B 6 -3.97 -23.06 -58.21
C VAL B 6 -5.42 -22.62 -58.18
N THR B 7 -6.33 -23.59 -58.09
CA THR B 7 -7.76 -23.33 -57.98
C THR B 7 -8.29 -23.92 -56.69
N VAL B 8 -8.93 -23.08 -55.86
CA VAL B 8 -9.36 -23.45 -54.50
C VAL B 8 -10.82 -23.06 -54.22
N LYS B 9 -11.62 -24.05 -53.82
CA LYS B 9 -12.99 -23.79 -53.41
C LYS B 9 -13.29 -24.33 -52.01
N ASN B 10 -13.82 -23.43 -51.19
CA ASN B 10 -14.24 -23.74 -49.82
C ASN B 10 -13.14 -24.34 -48.96
N PHE B 11 -11.99 -23.71 -49.01
CA PHE B 11 -10.86 -24.03 -48.17
C PHE B 11 -10.56 -22.81 -47.29
N ARG B 12 -10.83 -22.93 -45.99
CA ARG B 12 -10.76 -21.79 -45.05
C ARG B 12 -11.52 -20.59 -45.62
N SER B 13 -10.85 -19.45 -45.75
CA SER B 13 -11.47 -18.22 -46.21
C SER B 13 -11.72 -18.20 -47.73
N HIS B 14 -11.17 -19.17 -48.45
CA HIS B 14 -11.32 -19.22 -49.91
C HIS B 14 -12.62 -19.90 -50.34
N SER B 15 -13.54 -19.10 -50.89
N SER B 15 -13.55 -19.13 -50.91
CA SER B 15 -14.79 -19.62 -51.43
CA SER B 15 -14.81 -19.70 -51.43
C SER B 15 -14.60 -20.13 -52.85
C SER B 15 -14.67 -20.11 -52.89
N ASP B 16 -14.03 -19.28 -53.69
CA ASP B 16 -13.78 -19.59 -55.12
C ASP B 16 -12.60 -18.74 -55.59
N THR B 17 -11.40 -19.33 -55.59
CA THR B 17 -10.15 -18.60 -55.89
C THR B 17 -9.34 -19.28 -56.99
N VAL B 18 -8.89 -18.51 -57.96
CA VAL B 18 -7.97 -19.00 -58.99
C VAL B 18 -6.75 -18.10 -59.01
N VAL B 19 -5.56 -18.69 -58.91
CA VAL B 19 -4.33 -17.94 -59.03
C VAL B 19 -3.45 -18.57 -60.08
N GLU B 20 -3.01 -17.74 -61.01
CA GLU B 20 -2.06 -18.13 -62.02
C GLU B 20 -0.67 -17.68 -61.64
N PHE B 21 0.23 -18.63 -61.40
CA PHE B 21 1.60 -18.27 -61.04
C PHE B 21 2.50 -18.25 -62.27
N LYS B 22 3.52 -17.39 -62.22
CA LYS B 22 4.41 -17.21 -63.36
C LYS B 22 5.87 -17.22 -62.92
N GLU B 23 6.77 -17.10 -63.90
CA GLU B 23 8.20 -17.08 -63.64
C GLU B 23 8.53 -15.92 -62.71
N GLY B 24 9.61 -16.08 -61.93
CA GLY B 24 10.16 -14.98 -61.16
C GLY B 24 9.51 -14.82 -59.80
N ILE B 25 9.54 -13.61 -59.26
CA ILE B 25 8.99 -13.40 -57.93
C ILE B 25 7.51 -13.03 -58.03
N ASN B 26 6.67 -13.93 -57.53
CA ASN B 26 5.23 -13.74 -57.43
C ASN B 26 4.89 -13.30 -56.00
N LEU B 27 4.51 -12.05 -55.82
CA LEU B 27 4.11 -11.56 -54.50
C LEU B 27 2.59 -11.59 -54.30
N ILE B 28 2.15 -12.27 -53.25
CA ILE B 28 0.78 -12.13 -52.77
C ILE B 28 0.75 -11.20 -51.58
N ILE B 29 0.10 -10.06 -51.74
CA ILE B 29 0.09 -9.01 -50.74
C ILE B 29 -1.31 -8.88 -50.20
N GLY B 30 -1.44 -8.77 -48.89
CA GLY B 30 -2.74 -8.57 -48.27
C GLY B 30 -2.67 -8.51 -46.74
N GLN B 31 -3.73 -7.96 -46.13
CA GLN B 31 -3.78 -7.80 -44.68
C GLN B 31 -3.85 -9.11 -43.87
N ASN B 32 -3.60 -9.00 -42.57
CA ASN B 32 -3.82 -10.12 -41.66
C ASN B 32 -5.23 -10.69 -41.87
N GLY B 33 -5.30 -12.02 -41.97
CA GLY B 33 -6.56 -12.73 -42.07
C GLY B 33 -7.28 -12.66 -43.42
N SER B 34 -6.53 -12.41 -44.49
CA SER B 34 -7.12 -12.20 -45.82
C SER B 34 -7.11 -13.46 -46.70
N GLY B 35 -6.26 -14.44 -46.37
CA GLY B 35 -6.24 -15.70 -47.07
C GLY B 35 -4.92 -16.18 -47.67
N LYS B 36 -3.81 -15.50 -47.35
CA LYS B 36 -2.51 -15.84 -47.93
C LYS B 36 -2.02 -17.25 -47.57
N SER B 37 -1.87 -17.46 -46.25
CA SER B 37 -1.37 -18.72 -45.74
C SER B 37 -2.33 -19.85 -46.09
N SER B 38 -3.63 -19.55 -46.11
CA SER B 38 -4.65 -20.53 -46.51
C SER B 38 -4.42 -21.05 -47.96
N LEU B 39 -4.08 -20.15 -48.85
CA LEU B 39 -3.75 -20.51 -50.22
C LEU B 39 -2.52 -21.41 -50.25
N LEU B 40 -1.44 -20.96 -49.59
CA LEU B 40 -0.24 -21.84 -49.51
C LEU B 40 -0.51 -23.24 -48.88
N ASP B 41 -1.27 -23.26 -47.80
CA ASP B 41 -1.59 -24.54 -47.18
C ASP B 41 -2.49 -25.35 -48.08
N ALA B 42 -3.30 -24.69 -48.90
CA ALA B 42 -4.13 -25.41 -49.87
C ALA B 42 -3.25 -26.11 -50.89
N ILE B 43 -2.22 -25.40 -51.35
CA ILE B 43 -1.20 -26.04 -52.23
C ILE B 43 -0.59 -27.29 -51.56
N LEU B 44 -0.12 -27.13 -50.33
CA LEU B 44 0.43 -28.28 -49.62
C LEU B 44 -0.55 -29.47 -49.57
N VAL B 45 -1.79 -29.17 -49.19
CA VAL B 45 -2.85 -30.18 -49.13
C VAL B 45 -3.04 -30.82 -50.52
N GLY B 46 -3.09 -30.01 -51.55
CA GLY B 46 -3.36 -30.50 -52.89
C GLY B 46 -2.27 -31.45 -53.36
N LEU B 47 -1.02 -31.08 -53.09
CA LEU B 47 0.11 -31.96 -53.40
C LEU B 47 0.20 -33.23 -52.54
N TYR B 48 0.04 -33.11 -51.22
CA TYR B 48 0.47 -34.19 -50.33
C TYR B 48 -0.59 -34.87 -49.44
N TRP B 49 -1.85 -34.44 -49.51
CA TRP B 49 -2.91 -35.14 -48.76
C TRP B 49 -2.83 -36.65 -48.98
N PRO B 50 -3.00 -37.45 -47.92
CA PRO B 50 -3.16 -37.06 -46.51
C PRO B 50 -1.83 -36.56 -45.87
N LEU B 51 -1.89 -35.44 -45.14
CA LEU B 51 -0.71 -34.77 -44.57
C LEU B 51 -0.35 -35.26 -43.17
N ARG B 52 0.86 -34.90 -42.74
CA ARG B 52 1.32 -35.20 -41.38
C ARG B 52 1.04 -34.03 -40.45
N ILE B 53 1.05 -32.82 -41.01
CA ILE B 53 1.01 -31.60 -40.21
C ILE B 53 -0.25 -31.49 -39.38
N LYS B 54 -0.05 -31.24 -38.09
CA LYS B 54 -1.11 -31.37 -37.10
C LYS B 54 -2.17 -30.28 -37.18
N ASP B 55 -1.78 -29.07 -37.55
CA ASP B 55 -2.72 -27.95 -37.53
C ASP B 55 -3.54 -27.77 -38.82
N ILE B 56 -3.50 -28.77 -39.71
CA ILE B 56 -4.30 -28.79 -40.94
C ILE B 56 -5.24 -30.00 -40.90
N LYS B 57 -6.53 -29.76 -40.74
CA LYS B 57 -7.52 -30.83 -40.55
C LYS B 57 -8.76 -30.57 -41.40
N LYS B 58 -9.23 -31.60 -42.11
CA LYS B 58 -10.33 -31.43 -43.06
C LYS B 58 -11.61 -30.93 -42.40
N ASP B 59 -11.94 -31.45 -41.22
CA ASP B 59 -13.12 -30.99 -40.49
C ASP B 59 -13.05 -29.49 -40.24
N GLU B 60 -11.82 -28.96 -40.23
CA GLU B 60 -11.59 -27.55 -39.93
C GLU B 60 -11.42 -26.70 -41.15
N PHE B 61 -10.73 -27.20 -42.19
CA PHE B 61 -10.44 -26.32 -43.31
C PHE B 61 -11.61 -26.15 -44.29
N THR B 62 -12.59 -27.07 -44.25
CA THR B 62 -13.81 -26.86 -45.03
C THR B 62 -14.41 -25.53 -44.64
N LYS B 63 -14.52 -24.63 -45.60
CA LYS B 63 -15.04 -23.30 -45.33
C LYS B 63 -16.41 -23.37 -44.63
N VAL B 64 -16.58 -22.57 -43.58
CA VAL B 64 -17.82 -22.60 -42.81
C VAL B 64 -19.03 -22.33 -43.73
N GLY B 65 -20.06 -23.13 -43.56
CA GLY B 65 -21.23 -23.04 -44.42
C GLY B 65 -21.19 -23.99 -45.61
N ALA B 66 -20.03 -24.55 -45.93
CA ALA B 66 -19.92 -25.45 -47.08
C ALA B 66 -19.83 -26.90 -46.63
N ARG B 67 -20.08 -27.81 -47.58
CA ARG B 67 -20.05 -29.24 -47.31
C ARG B 67 -18.94 -29.92 -48.13
N ASP B 68 -18.22 -29.12 -48.89
CA ASP B 68 -17.48 -29.58 -50.05
C ASP B 68 -16.23 -28.71 -50.13
N THR B 69 -15.09 -29.30 -50.45
CA THR B 69 -13.88 -28.52 -50.73
C THR B 69 -13.27 -29.05 -52.02
N TYR B 70 -12.77 -28.16 -52.85
CA TYR B 70 -12.18 -28.54 -54.13
C TYR B 70 -10.81 -27.91 -54.24
N ILE B 71 -9.80 -28.70 -54.58
CA ILE B 71 -8.45 -28.14 -54.85
C ILE B 71 -7.91 -28.73 -56.15
N ASP B 72 -7.46 -27.84 -57.04
CA ASP B 72 -6.93 -28.24 -58.34
C ASP B 72 -5.59 -27.54 -58.56
N LEU B 73 -4.52 -28.30 -58.78
CA LEU B 73 -3.19 -27.73 -58.94
C LEU B 73 -2.54 -28.22 -60.21
N ILE B 74 -2.01 -27.28 -60.98
CA ILE B 74 -1.25 -27.59 -62.17
C ILE B 74 0.19 -27.12 -61.95
N PHE B 75 1.14 -28.03 -62.17
CA PHE B 75 2.55 -27.73 -61.93
C PHE B 75 3.43 -28.54 -62.86
N GLU B 76 4.67 -28.07 -63.07
N GLU B 76 4.66 -28.04 -63.04
CA GLU B 76 5.59 -28.73 -63.99
CA GLU B 76 5.66 -28.67 -63.90
C GLU B 76 6.85 -29.23 -63.28
C GLU B 76 6.70 -29.39 -63.06
N LYS B 77 7.25 -30.45 -63.62
CA LYS B 77 8.39 -31.12 -63.02
C LYS B 77 9.13 -31.89 -64.10
N ASP B 78 10.37 -31.47 -64.37
CA ASP B 78 11.22 -32.09 -65.39
C ASP B 78 10.58 -32.13 -66.76
N GLY B 79 9.98 -31.02 -67.17
CA GLY B 79 9.42 -30.91 -68.51
C GLY B 79 8.01 -31.46 -68.71
N THR B 80 7.46 -32.13 -67.70
CA THR B 80 6.10 -32.66 -67.77
C THR B 80 5.13 -31.81 -66.95
N LYS B 81 4.02 -31.42 -67.57
CA LYS B 81 2.97 -30.69 -66.86
C LYS B 81 2.00 -31.69 -66.20
N TYR B 82 1.78 -31.49 -64.90
CA TYR B 82 0.98 -32.38 -64.07
C TYR B 82 -0.20 -31.63 -63.47
N ARG B 83 -1.26 -32.37 -63.19
CA ARG B 83 -2.45 -31.80 -62.57
C ARG B 83 -2.96 -32.72 -61.47
N ILE B 84 -3.11 -32.19 -60.26
CA ILE B 84 -3.75 -32.96 -59.19
C ILE B 84 -5.07 -32.29 -58.85
N THR B 85 -6.11 -33.11 -58.81
CA THR B 85 -7.45 -32.62 -58.59
C THR B 85 -8.03 -33.39 -57.43
N ARG B 86 -8.57 -32.66 -56.45
CA ARG B 86 -9.16 -33.29 -55.29
C ARG B 86 -10.51 -32.66 -54.91
N ARG B 87 -11.48 -33.53 -54.67
CA ARG B 87 -12.77 -33.10 -54.09
C ARG B 87 -12.92 -33.79 -52.74
N PHE B 88 -12.99 -32.99 -51.69
CA PHE B 88 -13.24 -33.46 -50.34
C PHE B 88 -14.70 -33.22 -49.95
N LEU B 89 -15.19 -34.11 -49.10
CA LEU B 89 -16.50 -33.98 -48.48
C LEU B 89 -16.31 -33.78 -46.98
N LYS B 90 -16.94 -32.76 -46.42
CA LYS B 90 -16.85 -32.58 -44.98
C LYS B 90 -17.53 -33.75 -44.26
N GLY B 91 -16.78 -34.41 -43.38
CA GLY B 91 -17.37 -35.42 -42.51
C GLY B 91 -17.17 -36.87 -42.90
N TYR B 92 -16.85 -37.14 -44.16
CA TYR B 92 -16.56 -38.51 -44.58
C TYR B 92 -15.85 -38.56 -45.91
N SER B 93 -15.50 -39.77 -46.36
CA SER B 93 -14.59 -39.91 -47.50
C SER B 93 -15.18 -40.60 -48.73
N SER B 94 -16.33 -41.26 -48.59
CA SER B 94 -16.88 -42.11 -49.65
C SER B 94 -16.99 -41.47 -51.05
N GLY B 95 -17.55 -40.28 -51.15
CA GLY B 95 -17.70 -39.63 -52.44
C GLY B 95 -16.50 -38.80 -52.87
N GLU B 96 -15.36 -38.96 -52.19
CA GLU B 96 -14.15 -38.20 -52.54
C GLU B 96 -13.69 -38.51 -53.96
N ILE B 97 -13.10 -37.54 -54.60
CA ILE B 97 -12.48 -37.73 -55.88
C ILE B 97 -11.04 -37.22 -55.75
N HIS B 98 -10.09 -38.09 -56.07
CA HIS B 98 -8.68 -37.71 -56.14
C HIS B 98 -8.16 -38.21 -57.46
N ALA B 99 -7.57 -37.31 -58.24
CA ALA B 99 -7.05 -37.66 -59.56
C ALA B 99 -5.72 -36.97 -59.79
N MET B 100 -4.84 -37.65 -60.52
CA MET B 100 -3.58 -37.05 -60.92
C MET B 100 -3.31 -37.36 -62.38
N LYS B 101 -3.19 -36.29 -63.17
CA LYS B 101 -3.00 -36.42 -64.60
C LYS B 101 -1.71 -35.74 -65.08
N ARG B 102 -1.29 -36.10 -66.29
CA ARG B 102 -0.21 -35.44 -66.98
C ARG B 102 -0.73 -34.96 -68.32
N LEU B 103 -0.14 -33.89 -68.83
CA LEU B 103 -0.56 -33.33 -70.11
C LEU B 103 0.19 -34.05 -71.20
N VAL B 104 -0.55 -34.88 -71.94
CA VAL B 104 0.00 -35.65 -73.04
C VAL B 104 -0.35 -34.90 -74.30
N GLY B 105 0.55 -34.03 -74.73
CA GLY B 105 0.31 -33.17 -75.85
C GLY B 105 -0.79 -32.19 -75.54
N ASN B 106 -2.02 -32.60 -75.84
CA ASN B 106 -3.18 -31.73 -75.80
C ASN B 106 -4.19 -32.14 -74.71
N GLU B 107 -4.19 -33.41 -74.34
CA GLU B 107 -5.14 -33.92 -73.36
C GLU B 107 -4.50 -34.29 -72.02
N TRP B 108 -5.29 -34.16 -70.95
CA TRP B 108 -4.91 -34.62 -69.63
C TRP B 108 -5.18 -36.12 -69.49
N LYS B 109 -4.19 -36.87 -69.06
CA LYS B 109 -4.31 -38.31 -68.87
C LYS B 109 -3.85 -38.76 -67.49
N HIS B 110 -4.58 -39.71 -66.91
CA HIS B 110 -4.23 -40.27 -65.60
C HIS B 110 -2.81 -40.85 -65.55
N VAL B 111 -2.06 -40.45 -64.52
CA VAL B 111 -0.68 -40.91 -64.34
C VAL B 111 -0.64 -42.11 -63.40
N THR B 112 -1.70 -42.27 -62.62
CA THR B 112 -1.86 -43.46 -61.80
C THR B 112 -3.34 -43.59 -61.42
N GLU B 113 -3.65 -44.62 -60.64
CA GLU B 113 -5.00 -44.88 -60.17
C GLU B 113 -5.59 -43.61 -59.52
N PRO B 114 -6.83 -43.26 -59.86
CA PRO B 114 -7.42 -42.08 -59.23
C PRO B 114 -7.87 -42.36 -57.79
N SER B 115 -6.90 -42.44 -56.89
CA SER B 115 -7.13 -42.68 -55.48
C SER B 115 -6.00 -42.00 -54.73
N SER B 116 -6.23 -41.55 -53.49
CA SER B 116 -5.19 -40.80 -52.76
C SER B 116 -3.92 -41.62 -52.42
N LYS B 117 -4.09 -42.92 -52.22
CA LYS B 117 -2.96 -43.82 -51.95
C LYS B 117 -1.97 -43.87 -53.13
N ALA B 118 -2.49 -44.17 -54.31
CA ALA B 118 -1.66 -44.30 -55.50
C ALA B 118 -1.04 -42.96 -55.86
N ILE B 119 -1.83 -41.90 -55.68
CA ILE B 119 -1.35 -40.55 -55.93
C ILE B 119 -0.20 -40.24 -54.97
N SER B 120 -0.37 -40.56 -53.69
CA SER B 120 0.72 -40.36 -52.73
C SER B 120 1.97 -41.12 -53.13
N ALA B 121 1.80 -42.40 -53.48
CA ALA B 121 2.92 -43.22 -53.94
C ALA B 121 3.64 -42.61 -55.17
N PHE B 122 2.88 -42.14 -56.15
CA PHE B 122 3.50 -41.48 -57.31
C PHE B 122 4.22 -40.18 -56.92
N MET B 123 3.52 -39.32 -56.18
CA MET B 123 4.09 -38.04 -55.79
C MET B 123 5.37 -38.21 -55.01
N GLU B 124 5.40 -39.20 -54.11
CA GLU B 124 6.56 -39.41 -53.27
C GLU B 124 7.79 -39.75 -54.11
N LYS B 125 7.57 -40.38 -55.26
CA LYS B 125 8.65 -40.64 -56.20
C LYS B 125 8.97 -39.37 -56.97
N LEU B 126 7.95 -38.64 -57.40
CA LEU B 126 8.20 -37.43 -58.20
C LEU B 126 8.87 -36.30 -57.41
N ILE B 127 8.21 -35.87 -56.34
CA ILE B 127 8.74 -34.82 -55.47
C ILE B 127 8.44 -35.17 -54.02
N PRO B 128 9.40 -35.79 -53.32
CA PRO B 128 9.15 -36.24 -51.95
C PRO B 128 8.73 -35.13 -50.99
N TYR B 129 7.82 -35.47 -50.08
CA TYR B 129 7.26 -34.54 -49.11
C TYR B 129 8.32 -33.81 -48.27
N ASN B 130 9.32 -34.55 -47.79
CA ASN B 130 10.34 -33.96 -46.95
C ASN B 130 11.16 -32.94 -47.73
N ILE B 131 11.29 -33.16 -49.04
CA ILE B 131 11.91 -32.15 -49.89
C ILE B 131 11.04 -30.91 -49.98
N PHE B 132 9.74 -31.11 -50.20
CA PHE B 132 8.85 -29.96 -50.31
C PHE B 132 8.83 -29.16 -49.01
N LEU B 133 8.79 -29.85 -47.86
CA LEU B 133 8.75 -29.17 -46.58
C LEU B 133 10.10 -28.59 -46.14
N ASN B 134 11.21 -29.24 -46.48
CA ASN B 134 12.51 -28.75 -46.03
C ASN B 134 13.27 -27.86 -47.02
N ALA B 135 12.98 -27.98 -48.32
CA ALA B 135 13.76 -27.25 -49.32
C ALA B 135 12.94 -26.29 -50.18
N ILE B 136 11.60 -26.37 -50.10
CA ILE B 136 10.75 -25.50 -50.94
C ILE B 136 9.82 -24.56 -50.16
N TYR B 137 8.97 -25.13 -49.32
CA TYR B 137 7.92 -24.37 -48.63
C TYR B 137 8.35 -23.97 -47.22
N ILE B 138 8.54 -22.68 -46.98
CA ILE B 138 8.78 -22.15 -45.62
C ILE B 138 7.48 -21.62 -45.03
N ARG B 139 6.86 -22.41 -44.17
CA ARG B 139 5.55 -22.06 -43.58
C ARG B 139 5.67 -20.89 -42.63
N GLN B 140 4.57 -20.17 -42.44
CA GLN B 140 4.59 -19.01 -41.58
C GLN B 140 5.02 -19.43 -40.19
N GLY B 141 5.94 -18.68 -39.58
CA GLY B 141 6.47 -19.07 -38.29
C GLY B 141 7.67 -20.00 -38.32
N GLN B 142 8.09 -20.47 -39.49
CA GLN B 142 9.19 -21.46 -39.60
C GLN B 142 10.51 -20.91 -40.17
N ILE B 143 10.64 -19.61 -40.29
CA ILE B 143 11.83 -19.03 -40.84
C ILE B 143 13.06 -19.48 -40.05
N ASP B 144 12.91 -19.58 -38.73
CA ASP B 144 14.03 -19.91 -37.85
C ASP B 144 14.20 -21.40 -37.60
N ALA B 145 13.53 -22.24 -38.37
CA ALA B 145 13.57 -23.68 -38.10
C ALA B 145 14.99 -24.22 -38.24
N ILE B 146 15.74 -23.73 -39.23
CA ILE B 146 17.07 -24.26 -39.47
C ILE B 146 18.02 -23.95 -38.32
N LEU B 147 17.63 -23.02 -37.45
CA LEU B 147 18.46 -22.64 -36.31
C LEU B 147 18.32 -23.57 -35.10
N GLU B 148 17.37 -24.50 -35.16
CA GLU B 148 16.98 -25.28 -33.99
C GLU B 148 18.13 -26.03 -33.31
N SER B 149 18.82 -26.92 -34.03
CA SER B 149 19.88 -27.74 -33.44
C SER B 149 20.85 -28.29 -34.49
N ASP B 150 21.99 -28.79 -34.06
CA ASP B 150 22.92 -29.45 -34.96
C ASP B 150 22.28 -30.66 -35.65
N GLU B 151 21.47 -31.39 -34.88
CA GLU B 151 20.80 -32.62 -35.34
C GLU B 151 19.77 -32.34 -36.44
N ALA B 152 18.90 -31.36 -36.21
CA ALA B 152 17.90 -30.95 -37.22
C ALA B 152 18.60 -30.56 -38.52
N ARG B 153 19.62 -29.73 -38.38
CA ARG B 153 20.44 -29.31 -39.51
C ARG B 153 21.05 -30.49 -40.28
N GLU B 154 21.68 -31.42 -39.56
CA GLU B 154 22.17 -32.66 -40.20
C GLU B 154 21.05 -33.40 -40.96
N LYS B 155 19.87 -33.52 -40.33
CA LYS B 155 18.75 -34.20 -40.99
C LYS B 155 18.33 -33.52 -42.29
N VAL B 156 18.12 -32.20 -42.23
CA VAL B 156 17.77 -31.42 -43.41
C VAL B 156 18.83 -31.57 -44.48
N VAL B 157 20.10 -31.41 -44.11
CA VAL B 157 21.19 -31.56 -45.06
C VAL B 157 21.22 -32.95 -45.71
N ARG B 158 21.18 -33.99 -44.90
CA ARG B 158 21.17 -35.36 -45.43
C ARG B 158 20.04 -35.51 -46.45
N GLU B 159 18.82 -35.13 -46.03
CA GLU B 159 17.64 -35.29 -46.88
C GLU B 159 17.71 -34.47 -48.17
N VAL B 160 18.11 -33.21 -48.04
CA VAL B 160 18.04 -32.27 -49.15
C VAL B 160 19.26 -32.31 -50.08
N LEU B 161 20.44 -32.61 -49.54
CA LEU B 161 21.65 -32.77 -50.35
C LEU B 161 21.95 -34.27 -50.51
N ASN B 162 20.99 -34.99 -51.09
CA ASN B 162 20.99 -36.46 -51.07
C ASN B 162 22.32 -37.12 -51.41
N LEU B 163 23.08 -37.46 -50.38
CA LEU B 163 24.24 -38.34 -50.51
C LEU B 163 23.72 -39.77 -50.61
N ASP B 164 23.67 -40.29 -51.84
CA ASP B 164 23.12 -41.61 -52.10
C ASP B 164 23.44 -42.06 -53.53
N TYR B 193 35.04 -39.38 -49.65
CA TYR B 193 34.39 -39.32 -50.95
C TYR B 193 33.15 -38.44 -50.91
N LYS B 194 32.06 -38.97 -50.34
CA LYS B 194 30.84 -38.19 -50.21
C LYS B 194 31.07 -37.05 -49.22
N ALA B 195 32.03 -37.23 -48.32
CA ALA B 195 32.35 -36.22 -47.31
C ALA B 195 32.87 -34.94 -47.97
N LEU B 196 33.67 -35.10 -49.01
CA LEU B 196 34.20 -33.95 -49.76
C LEU B 196 33.05 -33.20 -50.43
N ALA B 197 32.09 -33.97 -50.96
CA ALA B 197 30.92 -33.38 -51.61
C ALA B 197 30.10 -32.60 -50.59
N ARG B 198 29.83 -33.24 -49.45
CA ARG B 198 29.11 -32.58 -48.37
C ARG B 198 29.83 -31.29 -47.96
N GLU B 199 31.14 -31.38 -47.82
CA GLU B 199 31.95 -30.24 -47.41
C GLU B 199 31.85 -29.10 -48.41
N ALA B 200 31.99 -29.41 -49.71
CA ALA B 200 31.85 -28.40 -50.74
C ALA B 200 30.45 -27.76 -50.76
N ALA B 201 29.42 -28.60 -50.63
CA ALA B 201 28.04 -28.11 -50.59
C ALA B 201 27.86 -27.13 -49.43
N LEU B 202 28.26 -27.57 -48.25
CA LEU B 202 28.14 -26.75 -47.05
C LEU B 202 28.99 -25.48 -47.12
N SER B 203 30.18 -25.58 -47.71
CA SER B 203 31.01 -24.39 -47.89
C SER B 203 30.32 -23.38 -48.81
N LYS B 204 29.77 -23.83 -49.93
CA LYS B 204 29.06 -22.91 -50.81
C LYS B 204 27.81 -22.28 -50.16
N ILE B 205 27.03 -23.12 -49.46
CA ILE B 205 25.85 -22.61 -48.75
C ILE B 205 26.28 -21.58 -47.69
N GLY B 206 27.36 -21.91 -46.99
CA GLY B 206 27.94 -20.98 -46.04
C GLY B 206 28.34 -19.66 -46.66
N GLU B 207 29.01 -19.71 -47.80
CA GLU B 207 29.41 -18.48 -48.49
C GLU B 207 28.21 -17.62 -48.91
N LEU B 208 27.19 -18.25 -49.51
CA LEU B 208 25.96 -17.52 -49.87
C LEU B 208 25.22 -16.93 -48.66
N ALA B 209 25.04 -17.74 -47.62
CA ALA B 209 24.40 -17.25 -46.42
C ALA B 209 25.25 -16.12 -45.80
N SER B 210 26.58 -16.26 -45.83
CA SER B 210 27.46 -15.20 -45.32
C SER B 210 27.20 -13.89 -46.06
N GLU B 211 27.22 -13.97 -47.38
CA GLU B 211 26.92 -12.81 -48.22
C GLU B 211 25.58 -12.15 -47.84
N ILE B 212 24.51 -12.94 -47.85
CA ILE B 212 23.18 -12.40 -47.56
C ILE B 212 23.08 -11.80 -46.13
N PHE B 213 23.57 -12.54 -45.14
CA PHE B 213 23.53 -12.12 -43.73
C PHE B 213 24.37 -10.86 -43.50
N ALA B 214 25.54 -10.81 -44.14
CA ALA B 214 26.39 -9.62 -44.06
C ALA B 214 25.62 -8.43 -44.66
N GLU B 215 24.94 -8.65 -45.78
CA GLU B 215 24.10 -7.56 -46.30
C GLU B 215 23.01 -7.13 -45.30
N PHE B 216 22.19 -8.08 -44.84
CA PHE B 216 21.11 -7.80 -43.89
C PHE B 216 21.54 -6.97 -42.67
N THR B 217 22.71 -7.30 -42.14
CA THR B 217 23.17 -6.70 -40.89
C THR B 217 24.31 -5.66 -41.10
N GLU B 218 24.49 -5.21 -42.34
CA GLU B 218 25.50 -4.19 -42.64
C GLU B 218 26.90 -4.51 -42.10
N GLY B 219 27.33 -5.75 -42.23
CA GLY B 219 28.68 -6.14 -41.85
C GLY B 219 28.85 -6.34 -40.36
N LYS B 220 27.75 -6.23 -39.60
CA LYS B 220 27.82 -6.45 -38.16
C LYS B 220 28.31 -7.88 -37.91
N TYR B 221 27.78 -8.82 -38.68
CA TYR B 221 28.28 -10.20 -38.72
C TYR B 221 28.89 -10.42 -40.10
N SER B 222 30.19 -10.73 -40.10
CA SER B 222 30.96 -10.84 -41.33
C SER B 222 30.89 -12.21 -41.99
N GLU B 223 30.45 -13.22 -41.27
CA GLU B 223 30.38 -14.56 -41.81
C GLU B 223 29.36 -15.47 -41.12
N VAL B 224 28.77 -16.38 -41.89
CA VAL B 224 27.97 -17.47 -41.35
C VAL B 224 28.76 -18.75 -41.56
N VAL B 225 29.15 -19.39 -40.47
CA VAL B 225 29.90 -20.64 -40.55
C VAL B 225 28.95 -21.85 -40.45
N VAL B 226 29.04 -22.71 -41.46
CA VAL B 226 28.27 -23.95 -41.57
C VAL B 226 29.23 -25.10 -41.65
N ARG B 227 29.36 -25.88 -40.59
CA ARG B 227 30.45 -26.87 -40.53
C ARG B 227 29.97 -28.26 -40.17
N ALA B 228 30.22 -29.23 -41.05
CA ALA B 228 29.90 -30.62 -40.78
C ALA B 228 30.90 -31.19 -39.81
N GLU B 229 30.43 -31.50 -38.61
CA GLU B 229 31.22 -32.24 -37.64
C GLU B 229 30.68 -33.67 -37.60
N GLU B 230 31.10 -34.43 -36.60
CA GLU B 230 30.72 -35.84 -36.49
C GLU B 230 29.20 -36.00 -36.50
N ASN B 231 28.63 -36.06 -37.70
CA ASN B 231 27.20 -36.27 -37.86
C ASN B 231 26.38 -35.16 -37.20
N LYS B 232 26.93 -33.95 -37.23
CA LYS B 232 26.22 -32.78 -36.78
C LYS B 232 26.65 -31.63 -37.67
N VAL B 233 25.69 -30.87 -38.19
CA VAL B 233 26.01 -29.67 -38.97
C VAL B 233 25.92 -28.46 -38.05
N ARG B 234 27.08 -27.90 -37.71
CA ARG B 234 27.15 -26.74 -36.82
C ARG B 234 26.90 -25.43 -37.57
N LEU B 235 26.38 -24.45 -36.83
CA LEU B 235 26.06 -23.17 -37.38
C LEU B 235 26.49 -22.04 -36.43
N PHE B 236 27.40 -21.19 -36.88
CA PHE B 236 27.92 -20.09 -36.06
C PHE B 236 27.87 -18.76 -36.82
N VAL B 237 27.94 -17.65 -36.08
CA VAL B 237 28.06 -16.33 -36.72
C VAL B 237 29.35 -15.66 -36.29
N VAL B 238 30.06 -15.04 -37.24
CA VAL B 238 31.32 -14.34 -36.90
C VAL B 238 31.06 -12.87 -36.50
N TRP B 239 31.40 -12.54 -35.27
CA TRP B 239 31.25 -11.16 -34.77
C TRP B 239 32.57 -10.69 -34.16
N GLU B 240 32.98 -9.48 -34.54
CA GLU B 240 34.28 -8.93 -34.15
C GLU B 240 35.37 -10.00 -34.29
N GLY B 241 35.34 -10.70 -35.42
CA GLY B 241 36.45 -11.57 -35.80
C GLY B 241 36.40 -13.01 -35.31
N LYS B 242 35.44 -13.34 -34.46
CA LYS B 242 35.38 -14.68 -33.88
C LYS B 242 34.00 -15.30 -34.02
N GLU B 243 33.99 -16.62 -34.16
CA GLU B 243 32.78 -17.38 -34.20
C GLU B 243 32.06 -17.24 -32.86
N ARG B 244 30.77 -16.89 -32.91
CA ARG B 244 29.89 -16.91 -31.75
C ARG B 244 28.75 -17.90 -31.99
N PRO B 245 28.18 -18.44 -30.91
CA PRO B 245 27.02 -19.32 -30.99
C PRO B 245 25.77 -18.54 -31.33
N LEU B 246 24.73 -19.24 -31.80
CA LEU B 246 23.53 -18.60 -32.29
C LEU B 246 22.76 -17.81 -31.23
N THR B 247 22.92 -18.18 -29.97
CA THR B 247 22.26 -17.44 -28.88
C THR B 247 22.76 -16.01 -28.85
N PHE B 248 23.92 -15.76 -29.48
CA PHE B 248 24.46 -14.41 -29.56
C PHE B 248 23.49 -13.45 -30.26
N LEU B 249 22.73 -13.95 -31.23
CA LEU B 249 21.88 -13.11 -32.07
C LEU B 249 20.67 -12.55 -31.31
N SER B 250 20.26 -11.35 -31.68
CA SER B 250 18.97 -10.83 -31.21
C SER B 250 17.78 -11.48 -31.95
N GLY B 251 16.55 -11.13 -31.59
CA GLY B 251 15.37 -11.76 -32.19
C GLY B 251 15.23 -11.53 -33.68
N GLY B 252 15.39 -10.26 -34.09
CA GLY B 252 15.38 -9.88 -35.50
C GLY B 252 16.54 -10.50 -36.26
N GLU B 253 17.70 -10.56 -35.61
CA GLU B 253 18.87 -11.17 -36.25
C GLU B 253 18.66 -12.67 -36.52
N ARG B 254 17.90 -13.37 -35.67
CA ARG B 254 17.60 -14.77 -35.91
C ARG B 254 16.76 -14.95 -37.17
N ILE B 255 15.81 -14.04 -37.37
CA ILE B 255 14.96 -14.05 -38.56
C ILE B 255 15.80 -13.76 -39.78
N ALA B 256 16.64 -12.72 -39.69
CA ALA B 256 17.57 -12.43 -40.80
C ALA B 256 18.44 -13.64 -41.17
N LEU B 257 19.02 -14.30 -40.16
CA LEU B 257 19.84 -15.48 -40.41
C LEU B 257 19.07 -16.65 -41.03
N GLY B 258 17.87 -16.90 -40.51
CA GLY B 258 16.99 -17.91 -41.06
C GLY B 258 16.77 -17.64 -42.53
N LEU B 259 16.43 -16.40 -42.84
CA LEU B 259 16.24 -16.00 -44.23
C LEU B 259 17.49 -16.21 -45.06
N ALA B 260 18.63 -15.74 -44.55
CA ALA B 260 19.89 -15.88 -45.27
C ALA B 260 20.19 -17.35 -45.56
N PHE B 261 20.02 -18.21 -44.57
CA PHE B 261 20.33 -19.62 -44.76
C PHE B 261 19.36 -20.28 -45.74
N GLU B 262 18.06 -20.05 -45.57
CA GLU B 262 17.09 -20.63 -46.49
C GLU B 262 17.28 -20.15 -47.93
N LEU B 263 17.56 -18.87 -48.09
CA LEU B 263 17.82 -18.35 -49.42
C LEU B 263 19.09 -18.96 -50.00
N ALA B 264 20.12 -19.08 -49.16
CA ALA B 264 21.37 -19.71 -49.58
C ALA B 264 21.13 -21.14 -50.07
N MET B 265 20.33 -21.89 -49.28
CA MET B 265 19.94 -23.24 -49.66
C MET B 265 19.23 -23.27 -51.01
N SER B 266 18.19 -22.45 -51.18
CA SER B 266 17.46 -22.40 -52.45
C SER B 266 18.37 -22.07 -53.63
N LEU B 267 19.25 -21.09 -53.44
N LEU B 267 19.24 -21.08 -53.43
CA LEU B 267 20.15 -20.68 -54.50
CA LEU B 267 20.17 -20.66 -54.47
C LEU B 267 21.11 -21.81 -54.85
C LEU B 267 21.11 -21.80 -54.84
N TYR B 268 21.62 -22.51 -53.83
CA TYR B 268 22.52 -23.64 -54.07
C TYR B 268 21.84 -24.72 -54.93
N LEU B 269 20.52 -24.85 -54.78
CA LEU B 269 19.75 -25.89 -55.44
C LEU B 269 18.85 -25.35 -56.55
N ALA B 270 19.12 -24.12 -57.02
CA ALA B 270 18.23 -23.43 -57.97
C ALA B 270 18.12 -24.16 -59.31
N GLY B 271 19.08 -25.03 -59.58
CA GLY B 271 19.08 -25.82 -60.80
C GLY B 271 18.26 -27.10 -60.73
N GLU B 272 17.96 -27.57 -59.52
CA GLU B 272 17.30 -28.86 -59.32
C GLU B 272 15.91 -28.67 -58.73
N ILE B 273 15.80 -27.87 -57.67
CA ILE B 273 14.50 -27.58 -57.07
C ILE B 273 13.83 -26.42 -57.82
N SER B 274 14.48 -25.26 -57.81
CA SER B 274 14.09 -24.09 -58.62
C SER B 274 12.86 -23.30 -58.12
N LEU B 275 12.28 -23.71 -57.00
CA LEU B 275 11.09 -23.04 -56.45
C LEU B 275 11.24 -22.82 -54.95
N LEU B 276 10.92 -21.60 -54.51
CA LEU B 276 10.90 -21.24 -53.11
C LEU B 276 9.55 -20.59 -52.79
N ILE B 277 8.86 -21.13 -51.78
CA ILE B 277 7.57 -20.59 -51.32
C ILE B 277 7.85 -20.07 -49.90
N LEU B 278 7.71 -18.75 -49.70
CA LEU B 278 8.10 -18.14 -48.43
C LEU B 278 6.94 -17.34 -47.84
N ASP B 279 6.47 -17.76 -46.65
CA ASP B 279 5.33 -17.11 -45.98
C ASP B 279 5.71 -16.15 -44.84
N GLU B 280 5.45 -14.88 -45.12
CA GLU B 280 5.69 -13.76 -44.22
C GLU B 280 7.12 -13.65 -43.71
N PRO B 281 7.97 -12.97 -44.47
CA PRO B 281 9.38 -12.83 -44.15
C PRO B 281 9.73 -11.70 -43.16
N THR B 282 8.76 -10.91 -42.70
CA THR B 282 9.09 -9.72 -41.89
C THR B 282 8.92 -9.77 -40.37
N PRO B 283 8.63 -10.93 -39.75
CA PRO B 283 8.42 -10.80 -38.30
C PRO B 283 9.71 -10.42 -37.51
N TYR B 284 9.55 -9.53 -36.53
CA TYR B 284 10.65 -9.02 -35.68
C TYR B 284 11.63 -8.10 -36.41
N LEU B 285 11.45 -7.93 -37.71
CA LEU B 285 12.40 -7.09 -38.45
C LEU B 285 12.03 -5.64 -38.28
N ASP B 286 13.02 -4.81 -38.07
CA ASP B 286 12.77 -3.38 -37.94
C ASP B 286 12.75 -2.74 -39.32
N GLU B 287 12.54 -1.42 -39.35
CA GLU B 287 12.44 -0.69 -40.60
C GLU B 287 13.66 -0.90 -41.51
N GLU B 288 14.85 -0.68 -40.97
CA GLU B 288 16.07 -0.86 -41.76
C GLU B 288 16.16 -2.28 -42.36
N ARG B 289 15.80 -3.30 -41.56
CA ARG B 289 15.87 -4.68 -42.02
C ARG B 289 14.78 -4.99 -43.08
N ARG B 290 13.64 -4.33 -42.95
CA ARG B 290 12.59 -4.46 -43.95
C ARG B 290 13.06 -3.79 -45.25
N ARG B 291 13.74 -2.66 -45.13
CA ARG B 291 14.35 -2.06 -46.31
C ARG B 291 15.44 -2.96 -46.92
N LYS B 292 16.25 -3.61 -46.08
CA LYS B 292 17.24 -4.56 -46.61
C LYS B 292 16.61 -5.77 -47.28
N LEU B 293 15.46 -6.21 -46.77
CA LEU B 293 14.75 -7.32 -47.42
C LEU B 293 14.49 -7.05 -48.91
N ILE B 294 14.16 -5.81 -49.25
CA ILE B 294 13.94 -5.45 -50.65
C ILE B 294 15.22 -5.62 -51.48
N THR B 295 16.32 -5.09 -50.94
CA THR B 295 17.64 -5.21 -51.55
C THR B 295 17.94 -6.67 -51.82
N ILE B 296 17.70 -7.49 -50.81
CA ILE B 296 17.91 -8.92 -50.93
C ILE B 296 16.94 -9.59 -51.92
N MET B 297 15.70 -9.12 -52.00
CA MET B 297 14.80 -9.66 -53.03
C MET B 297 15.42 -9.43 -54.38
N GLU B 298 15.84 -8.18 -54.60
CA GLU B 298 16.50 -7.77 -55.83
C GLU B 298 17.77 -8.56 -56.18
N ARG B 299 18.70 -8.64 -55.22
CA ARG B 299 20.01 -9.22 -55.51
C ARG B 299 20.04 -10.75 -55.51
N TYR B 300 19.15 -11.37 -54.76
CA TYR B 300 19.16 -12.83 -54.57
C TYR B 300 17.88 -13.55 -55.06
N LEU B 301 16.73 -13.22 -54.47
CA LEU B 301 15.49 -13.95 -54.81
C LEU B 301 15.24 -14.01 -56.30
N LYS B 302 15.61 -12.97 -57.03
CA LYS B 302 15.48 -12.98 -58.49
C LYS B 302 16.38 -13.99 -59.20
N LYS B 303 17.24 -14.69 -58.45
CA LYS B 303 18.07 -15.73 -59.06
C LYS B 303 17.40 -17.10 -59.01
N ILE B 304 16.31 -17.21 -58.26
CA ILE B 304 15.56 -18.45 -58.19
C ILE B 304 14.50 -18.39 -59.30
N PRO B 305 14.42 -19.45 -60.14
CA PRO B 305 13.50 -19.37 -61.29
C PRO B 305 12.06 -19.00 -60.92
N GLN B 306 11.52 -19.56 -59.85
CA GLN B 306 10.21 -19.14 -59.40
C GLN B 306 10.18 -18.96 -57.88
N VAL B 307 9.65 -17.81 -57.47
CA VAL B 307 9.46 -17.55 -56.05
C VAL B 307 8.03 -17.14 -55.82
N ILE B 308 7.42 -17.72 -54.80
CA ILE B 308 6.12 -17.29 -54.32
C ILE B 308 6.29 -16.77 -52.89
N LEU B 309 6.06 -15.46 -52.76
CA LEU B 309 6.34 -14.73 -51.54
C LEU B 309 5.02 -14.15 -51.09
N VAL B 310 4.65 -14.38 -49.83
CA VAL B 310 3.45 -13.72 -49.29
C VAL B 310 3.75 -12.91 -48.05
N SER B 311 3.10 -11.77 -47.98
CA SER B 311 3.35 -10.84 -46.91
C SER B 311 2.24 -9.80 -46.84
N HIS B 312 2.09 -9.18 -45.68
CA HIS B 312 1.31 -7.96 -45.52
C HIS B 312 2.12 -6.67 -45.85
N ASP B 313 3.42 -6.83 -46.13
CA ASP B 313 4.33 -5.69 -46.27
C ASP B 313 4.23 -5.10 -47.68
N GLU B 314 3.46 -4.01 -47.79
CA GLU B 314 3.23 -3.34 -49.07
C GLU B 314 4.52 -2.88 -49.75
N GLU B 315 5.56 -2.67 -48.96
CA GLU B 315 6.80 -2.13 -49.52
C GLU B 315 7.48 -3.13 -50.41
N LEU B 316 7.11 -4.40 -50.31
CA LEU B 316 7.80 -5.45 -51.05
C LEU B 316 7.36 -5.49 -52.52
N LYS B 317 6.32 -4.73 -52.84
CA LYS B 317 5.70 -4.75 -54.18
C LYS B 317 6.65 -4.42 -55.32
N ASP B 318 7.40 -3.33 -55.19
CA ASP B 318 8.24 -2.87 -56.30
C ASP B 318 9.28 -3.92 -56.73
N ALA B 319 9.83 -4.68 -55.78
CA ALA B 319 10.85 -5.66 -56.12
C ALA B 319 10.26 -6.96 -56.69
N ALA B 320 8.94 -7.07 -56.79
CA ALA B 320 8.32 -8.30 -57.28
C ALA B 320 8.11 -8.26 -58.79
N ASP B 321 8.08 -9.43 -59.41
CA ASP B 321 7.86 -9.51 -60.85
C ASP B 321 6.37 -9.57 -61.15
N HIS B 322 5.60 -10.15 -60.22
CA HIS B 322 4.17 -10.20 -60.37
C HIS B 322 3.56 -9.99 -58.99
N VAL B 323 2.51 -9.17 -58.94
CA VAL B 323 1.80 -8.90 -57.69
C VAL B 323 0.33 -9.29 -57.78
N ILE B 324 -0.10 -10.09 -56.82
CA ILE B 324 -1.49 -10.49 -56.65
C ILE B 324 -1.96 -10.01 -55.28
N ARG B 325 -3.06 -9.27 -55.26
CA ARG B 325 -3.56 -8.71 -54.03
C ARG B 325 -4.70 -9.58 -53.55
N ILE B 326 -4.73 -9.85 -52.26
CA ILE B 326 -5.77 -10.68 -51.70
C ILE B 326 -6.38 -9.91 -50.56
N SER B 327 -7.71 -9.90 -50.53
CA SER B 327 -8.44 -9.19 -49.50
C SER B 327 -9.64 -10.01 -49.07
N LEU B 328 -10.16 -9.73 -47.88
CA LEU B 328 -11.33 -10.42 -47.36
C LEU B 328 -12.62 -9.63 -47.57
N GLU B 329 -13.54 -10.18 -48.36
CA GLU B 329 -14.83 -9.57 -48.61
C GLU B 329 -15.94 -10.51 -48.16
N ASN B 330 -16.75 -10.04 -47.21
CA ASN B 330 -17.88 -10.82 -46.72
C ASN B 330 -17.49 -12.24 -46.33
N GLY B 331 -16.42 -12.36 -45.56
CA GLY B 331 -15.99 -13.65 -45.08
C GLY B 331 -15.38 -14.52 -46.15
N SER B 332 -15.05 -13.96 -47.32
CA SER B 332 -14.40 -14.71 -48.39
C SER B 332 -13.26 -13.98 -49.05
N SER B 333 -12.17 -14.71 -49.28
CA SER B 333 -11.04 -14.16 -49.99
C SER B 333 -11.42 -13.77 -51.42
N LYS B 334 -10.96 -12.59 -51.83
CA LYS B 334 -11.01 -12.15 -53.22
C LYS B 334 -9.59 -11.80 -53.66
N VAL B 335 -9.20 -12.30 -54.83
CA VAL B 335 -7.87 -12.09 -55.39
C VAL B 335 -7.90 -11.19 -56.61
N GLU B 336 -6.96 -10.28 -56.69
CA GLU B 336 -6.93 -9.30 -57.78
C GLU B 336 -5.52 -9.32 -58.38
N VAL B 337 -5.42 -9.55 -59.69
CA VAL B 337 -4.11 -9.54 -60.35
C VAL B 337 -3.70 -8.11 -60.65
N VAL B 338 -2.69 -7.65 -59.94
CA VAL B 338 -2.14 -6.31 -60.17
C VAL B 338 -1.14 -6.38 -61.31
N SER B 339 -0.28 -7.39 -61.30
CA SER B 339 0.66 -7.62 -62.39
C SER B 339 1.16 -9.07 -62.34
N MET C 1 -14.09 23.42 60.76
CA MET C 1 -15.32 23.30 59.92
C MET C 1 -15.60 21.83 59.65
N LYS C 2 -16.87 21.44 59.66
CA LYS C 2 -17.21 20.02 59.50
C LYS C 2 -18.57 19.83 58.84
N LEU C 3 -18.65 18.95 57.85
CA LEU C 3 -19.91 18.68 57.18
C LEU C 3 -20.62 17.60 57.95
N GLU C 4 -21.93 17.76 58.14
CA GLU C 4 -22.71 16.76 58.90
C GLU C 4 -23.66 15.94 58.02
N ARG C 5 -24.51 16.63 57.28
CA ARG C 5 -25.61 15.98 56.59
C ARG C 5 -25.93 16.73 55.31
N VAL C 6 -25.99 15.98 54.23
CA VAL C 6 -26.38 16.53 52.94
C VAL C 6 -27.62 15.78 52.44
N THR C 7 -28.65 16.56 52.13
CA THR C 7 -29.85 16.06 51.51
C THR C 7 -30.01 16.71 50.15
N VAL C 8 -30.20 15.86 49.14
CA VAL C 8 -30.22 16.30 47.76
C VAL C 8 -31.40 15.63 47.09
N LYS C 9 -32.26 16.46 46.50
CA LYS C 9 -33.38 16.01 45.69
C LYS C 9 -33.34 16.56 44.26
N ASN C 10 -33.33 15.65 43.30
CA ASN C 10 -33.42 15.97 41.88
C ASN C 10 -32.29 16.88 41.39
N PHE C 11 -31.07 16.50 41.75
CA PHE C 11 -29.86 17.16 41.30
C PHE C 11 -29.06 16.15 40.47
N ARG C 12 -28.98 16.39 39.16
CA ARG C 12 -28.34 15.45 38.25
C ARG C 12 -28.87 14.03 38.46
N SER C 13 -28.01 13.06 38.81
CA SER C 13 -28.45 11.67 38.98
C SER C 13 -29.16 11.42 40.31
N HIS C 14 -29.10 12.39 41.22
CA HIS C 14 -29.68 12.20 42.56
C HIS C 14 -31.18 12.60 42.60
N SER C 15 -32.06 11.61 42.76
CA SER C 15 -33.48 11.91 42.90
C SER C 15 -33.82 12.22 44.34
N ASP C 16 -33.33 11.40 45.26
CA ASP C 16 -33.55 11.56 46.69
C ASP C 16 -32.41 10.89 47.44
N THR C 17 -31.43 11.68 47.83
CA THR C 17 -30.23 11.17 48.48
C THR C 17 -30.04 11.89 49.80
N VAL C 18 -29.71 11.13 50.84
CA VAL C 18 -29.20 11.68 52.09
C VAL C 18 -27.85 11.04 52.42
N VAL C 19 -26.88 11.87 52.75
CA VAL C 19 -25.59 11.36 53.20
C VAL C 19 -25.21 12.02 54.51
N GLU C 20 -24.90 11.18 55.50
CA GLU C 20 -24.38 11.63 56.78
C GLU C 20 -22.86 11.49 56.76
N PHE C 21 -22.19 12.62 56.97
CA PHE C 21 -20.74 12.62 57.03
C PHE C 21 -20.29 12.56 58.47
N LYS C 22 -19.18 11.87 58.69
CA LYS C 22 -18.64 11.69 60.03
C LYS C 22 -17.20 12.21 60.07
N GLU C 23 -16.56 12.05 61.22
CA GLU C 23 -15.16 12.39 61.41
C GLU C 23 -14.29 11.39 60.65
N GLY C 24 -13.10 11.82 60.26
CA GLY C 24 -12.12 10.93 59.63
C GLY C 24 -12.29 10.89 58.13
N ILE C 25 -11.79 9.83 57.51
CA ILE C 25 -11.84 9.74 56.04
C ILE C 25 -13.17 9.12 55.62
N ASN C 26 -13.99 9.92 54.95
CA ASN C 26 -15.27 9.49 54.41
C ASN C 26 -15.11 9.16 52.91
N LEU C 27 -15.04 7.87 52.57
CA LEU C 27 -14.88 7.47 51.17
C LEU C 27 -16.23 7.26 50.48
N ILE C 28 -16.45 7.95 49.37
CA ILE C 28 -17.60 7.67 48.52
C ILE C 28 -17.06 6.91 47.31
N ILE C 29 -17.48 5.66 47.16
CA ILE C 29 -16.91 4.71 46.21
C ILE C 29 -17.99 4.28 45.20
N GLY C 30 -17.63 4.27 43.92
CA GLY C 30 -18.55 3.88 42.86
C GLY C 30 -17.99 4.02 41.45
N GLN C 31 -18.58 3.30 40.50
CA GLN C 31 -18.13 3.29 39.10
C GLN C 31 -18.35 4.63 38.40
N ASN C 32 -17.74 4.82 37.23
CA ASN C 32 -18.03 6.03 36.43
C ASN C 32 -19.54 6.21 36.22
N GLY C 33 -20.00 7.45 36.41
CA GLY C 33 -21.37 7.83 36.11
C GLY C 33 -22.39 7.39 37.16
N SER C 34 -21.94 7.10 38.37
CA SER C 34 -22.83 6.64 39.44
C SER C 34 -23.44 7.78 40.30
N GLY C 35 -22.82 8.97 40.30
CA GLY C 35 -23.31 10.13 41.03
C GLY C 35 -22.38 10.74 42.09
N LYS C 36 -21.11 10.35 42.07
CA LYS C 36 -20.13 10.83 43.06
C LYS C 36 -19.92 12.35 42.99
N SER C 37 -19.41 12.82 41.86
CA SER C 37 -19.13 14.25 41.71
C SER C 37 -20.41 15.08 41.82
N SER C 38 -21.56 14.48 41.47
CA SER C 38 -22.82 15.25 41.56
C SER C 38 -23.12 15.64 43.02
N LEU C 39 -22.76 14.77 43.94
CA LEU C 39 -22.96 15.02 45.36
C LEU C 39 -22.05 16.16 45.88
N LEU C 40 -20.76 16.10 45.53
CA LEU C 40 -19.82 17.15 45.92
C LEU C 40 -20.22 18.51 45.32
N ASP C 41 -20.62 18.50 44.04
CA ASP C 41 -21.06 19.76 43.45
C ASP C 41 -22.39 20.26 44.04
N ALA C 42 -23.27 19.33 44.42
CA ALA C 42 -24.46 19.73 45.20
C ALA C 42 -24.06 20.45 46.48
N ILE C 43 -23.06 19.91 47.18
CA ILE C 43 -22.54 20.61 48.36
C ILE C 43 -22.07 22.03 48.03
N LEU C 44 -21.26 22.12 46.98
CA LEU C 44 -20.77 23.41 46.51
C LEU C 44 -21.92 24.40 46.25
N VAL C 45 -22.93 23.93 45.51
CA VAL C 45 -24.08 24.79 45.18
C VAL C 45 -24.77 25.19 46.48
N GLY C 46 -24.94 24.23 47.37
CA GLY C 46 -25.61 24.48 48.64
C GLY C 46 -24.94 25.59 49.41
N LEU C 47 -23.61 25.52 49.54
CA LEU C 47 -22.85 26.55 50.26
C LEU C 47 -22.77 27.91 49.54
N TYR C 48 -22.42 27.91 48.25
CA TYR C 48 -21.98 29.16 47.59
C TYR C 48 -22.81 29.67 46.41
N TRP C 49 -24.00 29.13 46.19
CA TRP C 49 -24.87 29.66 45.14
C TRP C 49 -25.14 31.14 45.43
N PRO C 50 -25.20 32.00 44.39
CA PRO C 50 -25.03 31.78 42.96
C PRO C 50 -23.56 31.59 42.60
N LEU C 51 -23.29 30.54 41.83
CA LEU C 51 -21.96 30.28 41.32
C LEU C 51 -21.90 30.74 39.88
N ARG C 52 -20.70 31.06 39.44
CA ARG C 52 -20.47 31.35 38.04
C ARG C 52 -19.42 30.35 37.59
N ILE C 53 -19.84 29.10 37.54
CA ILE C 53 -18.99 28.02 37.10
C ILE C 53 -19.62 27.49 35.82
N LYS C 54 -18.82 27.49 34.75
CA LYS C 54 -19.33 27.25 33.40
C LYS C 54 -20.11 25.96 33.33
N ASP C 55 -19.59 24.90 33.93
CA ASP C 55 -20.24 23.59 33.84
C ASP C 55 -21.31 23.31 34.90
N ILE C 56 -21.63 24.29 35.76
CA ILE C 56 -22.76 24.16 36.68
C ILE C 56 -23.84 25.21 36.37
N LYS C 57 -24.91 24.76 35.72
CA LYS C 57 -25.99 25.65 35.30
C LYS C 57 -27.34 25.12 35.78
N LYS C 58 -28.13 25.98 36.42
CA LYS C 58 -29.38 25.53 37.03
C LYS C 58 -30.40 25.08 35.98
N ASP C 59 -30.29 25.61 34.76
CA ASP C 59 -31.13 25.16 33.67
C ASP C 59 -30.78 23.73 33.21
N GLU C 60 -29.71 23.17 33.77
CA GLU C 60 -29.21 21.85 33.39
C GLU C 60 -29.22 20.83 34.52
N PHE C 61 -28.96 21.27 35.75
CA PHE C 61 -28.75 20.29 36.85
C PHE C 61 -30.01 19.70 37.49
N THR C 62 -31.19 20.25 37.21
CA THR C 62 -32.42 19.61 37.70
C THR C 62 -32.54 18.25 37.04
N LYS C 63 -32.76 17.21 37.84
CA LYS C 63 -32.83 15.85 37.31
C LYS C 63 -33.87 15.74 36.19
N VAL C 64 -33.50 15.05 35.11
CA VAL C 64 -34.40 14.82 33.98
C VAL C 64 -35.71 14.23 34.47
N GLY C 65 -36.81 14.85 34.07
CA GLY C 65 -38.12 14.35 34.38
C GLY C 65 -38.71 14.96 35.64
N ALA C 66 -37.93 15.81 36.30
CA ALA C 66 -38.37 16.48 37.53
C ALA C 66 -38.49 17.98 37.29
N ARG C 67 -38.97 18.72 38.29
CA ARG C 67 -39.10 20.17 38.19
C ARG C 67 -38.42 20.85 39.38
N ASP C 68 -38.40 20.16 40.51
CA ASP C 68 -38.07 20.75 41.79
C ASP C 68 -36.71 20.22 42.30
N THR C 69 -35.70 21.07 42.31
CA THR C 69 -34.40 20.71 42.92
C THR C 69 -34.33 21.25 44.33
N TYR C 70 -33.87 20.42 45.25
CA TYR C 70 -33.75 20.81 46.66
C TYR C 70 -32.44 20.34 47.27
N ILE C 71 -31.69 21.29 47.82
CA ILE C 71 -30.43 20.98 48.52
C ILE C 71 -30.51 21.52 49.97
N ASP C 72 -30.16 20.67 50.93
CA ASP C 72 -30.21 21.02 52.34
C ASP C 72 -28.94 20.51 53.00
N LEU C 73 -28.16 21.45 53.52
CA LEU C 73 -26.82 21.17 53.99
C LEU C 73 -26.69 21.64 55.44
N ILE C 74 -26.29 20.70 56.29
CA ILE C 74 -26.03 20.98 57.70
C ILE C 74 -24.54 20.83 57.97
N PHE C 75 -23.96 21.87 58.59
CA PHE C 75 -22.52 21.87 58.86
C PHE C 75 -22.16 22.66 60.10
N GLU C 76 -21.01 22.35 60.68
CA GLU C 76 -20.50 23.06 61.85
C GLU C 76 -19.33 23.97 61.44
N LYS C 77 -19.32 25.17 62.01
CA LYS C 77 -18.19 26.09 61.92
C LYS C 77 -18.04 26.84 63.25
N ASP C 78 -16.87 26.72 63.89
CA ASP C 78 -16.57 27.40 65.16
C ASP C 78 -17.59 27.16 66.25
N GLY C 79 -18.04 25.91 66.39
CA GLY C 79 -18.92 25.53 67.49
C GLY C 79 -20.39 25.85 67.28
N THR C 80 -20.72 26.48 66.16
CA THR C 80 -22.13 26.74 65.82
C THR C 80 -22.55 25.89 64.61
N LYS C 81 -23.67 25.20 64.76
N LYS C 81 -23.67 25.19 64.76
CA LYS C 81 -24.21 24.40 63.66
CA LYS C 81 -24.22 24.40 63.67
C LYS C 81 -25.14 25.23 62.78
C LYS C 81 -25.12 25.25 62.78
N TYR C 82 -24.92 25.12 61.47
CA TYR C 82 -25.63 25.92 60.48
C TYR C 82 -26.35 24.99 59.51
N ARG C 83 -27.35 25.57 58.86
CA ARG C 83 -28.15 24.85 57.90
C ARG C 83 -28.42 25.78 56.74
N ILE C 84 -28.08 25.35 55.54
CA ILE C 84 -28.49 26.10 54.35
C ILE C 84 -29.45 25.25 53.54
N THR C 85 -30.55 25.88 53.12
N THR C 85 -30.53 25.88 53.10
CA THR C 85 -31.57 25.19 52.34
CA THR C 85 -31.58 25.23 52.34
C THR C 85 -31.86 25.99 51.07
C THR C 85 -31.85 25.99 51.05
N ARG C 86 -31.80 25.29 49.93
CA ARG C 86 -32.02 25.90 48.62
C ARG C 86 -32.99 25.10 47.76
N ARG C 87 -33.85 25.82 47.07
CA ARG C 87 -34.89 25.25 46.25
C ARG C 87 -34.87 25.91 44.88
N PHE C 88 -34.73 25.13 43.82
CA PHE C 88 -34.75 25.66 42.46
C PHE C 88 -35.88 25.02 41.68
N LEU C 89 -36.70 25.84 41.02
CA LEU C 89 -37.75 25.33 40.13
C LEU C 89 -37.32 25.47 38.67
N LYS C 90 -37.27 24.36 37.95
CA LYS C 90 -36.79 24.33 36.57
C LYS C 90 -37.47 25.37 35.67
N GLY C 91 -36.66 26.13 34.95
CA GLY C 91 -37.15 27.11 33.96
C GLY C 91 -38.05 28.21 34.51
N TYR C 92 -38.15 28.27 35.84
CA TYR C 92 -38.98 29.25 36.52
C TYR C 92 -38.26 29.76 37.76
N SER C 93 -37.42 30.77 37.58
CA SER C 93 -36.50 31.23 38.63
C SER C 93 -37.19 32.02 39.76
N SER C 94 -38.42 32.47 39.55
CA SER C 94 -39.12 33.24 40.59
C SER C 94 -39.59 32.35 41.75
N GLY C 95 -39.48 31.04 41.56
CA GLY C 95 -39.89 30.09 42.58
C GLY C 95 -38.74 29.65 43.47
N GLU C 96 -37.57 30.23 43.24
CA GLU C 96 -36.40 29.93 44.06
C GLU C 96 -36.57 30.45 45.49
N ILE C 97 -36.32 29.57 46.47
CA ILE C 97 -36.25 29.99 47.86
C ILE C 97 -34.91 29.56 48.49
N HIS C 98 -34.32 30.45 49.28
CA HIS C 98 -33.04 30.18 49.91
C HIS C 98 -33.11 30.59 51.36
N ALA C 99 -32.52 29.79 52.24
CA ALA C 99 -32.48 30.16 53.65
C ALA C 99 -31.25 29.63 54.34
N MET C 100 -30.77 30.38 55.32
CA MET C 100 -29.69 29.93 56.18
C MET C 100 -30.09 30.12 57.62
N LYS C 101 -29.83 29.08 58.41
CA LYS C 101 -30.23 29.07 59.81
C LYS C 101 -29.12 28.50 60.70
N ARG C 102 -29.17 28.85 61.98
CA ARG C 102 -28.30 28.26 62.99
C ARG C 102 -29.12 27.55 64.04
N LEU C 103 -28.52 26.54 64.69
CA LEU C 103 -29.20 25.77 65.71
C LEU C 103 -29.04 26.42 67.08
N VAL C 104 -30.13 26.96 67.61
CA VAL C 104 -30.15 27.60 68.91
C VAL C 104 -30.88 26.68 69.88
N GLY C 105 -30.11 25.95 70.66
CA GLY C 105 -30.65 24.90 71.51
C GLY C 105 -31.26 23.80 70.66
N ASN C 106 -32.59 23.83 70.57
CA ASN C 106 -33.35 22.81 69.87
C ASN C 106 -34.04 23.35 68.62
N GLU C 107 -33.88 24.65 68.36
CA GLU C 107 -34.58 25.32 67.26
C GLU C 107 -33.63 25.89 66.23
N TRP C 108 -33.93 25.62 64.96
CA TRP C 108 -33.24 26.26 63.85
C TRP C 108 -33.79 27.67 63.69
N LYS C 109 -32.90 28.65 63.70
CA LYS C 109 -33.28 30.06 63.63
C LYS C 109 -32.58 30.71 62.44
N HIS C 110 -33.31 31.53 61.68
CA HIS C 110 -32.71 32.30 60.60
C HIS C 110 -31.54 33.10 61.13
N VAL C 111 -30.41 33.02 60.43
CA VAL C 111 -29.22 33.77 60.80
C VAL C 111 -29.07 34.91 59.81
N THR C 112 -29.90 34.89 58.77
CA THR C 112 -29.83 35.85 57.68
C THR C 112 -31.22 36.04 57.10
N GLU C 113 -31.45 37.16 56.41
CA GLU C 113 -32.64 37.28 55.57
C GLU C 113 -32.67 36.09 54.60
N PRO C 114 -33.85 35.56 54.28
CA PRO C 114 -33.87 34.40 53.38
C PRO C 114 -33.67 34.78 51.91
N SER C 115 -32.47 35.25 51.57
CA SER C 115 -32.13 35.65 50.20
C SER C 115 -30.71 35.22 49.89
N SER C 116 -30.45 35.00 48.60
N SER C 116 -30.45 35.00 48.60
CA SER C 116 -29.15 34.52 48.16
CA SER C 116 -29.16 34.52 48.14
C SER C 116 -28.05 35.52 48.47
C SER C 116 -28.05 35.52 48.47
N LYS C 117 -28.37 36.80 48.35
CA LYS C 117 -27.41 37.88 48.59
C LYS C 117 -26.92 37.89 50.05
N ALA C 118 -27.87 37.92 50.98
CA ALA C 118 -27.54 38.03 52.38
C ALA C 118 -26.84 36.75 52.86
N ILE C 119 -27.32 35.59 52.39
CA ILE C 119 -26.66 34.32 52.72
C ILE C 119 -25.26 34.28 52.15
N SER C 120 -25.11 34.72 50.90
CA SER C 120 -23.80 34.77 50.29
C SER C 120 -22.84 35.60 51.14
N ALA C 121 -23.29 36.79 51.54
CA ALA C 121 -22.44 37.64 52.36
C ALA C 121 -22.07 36.96 53.68
N PHE C 122 -23.06 36.35 54.33
CA PHE C 122 -22.79 35.64 55.57
C PHE C 122 -21.79 34.50 55.37
N MET C 123 -22.00 33.66 54.36
CA MET C 123 -21.08 32.57 54.08
C MET C 123 -19.66 33.07 53.81
N GLU C 124 -19.56 34.06 52.93
CA GLU C 124 -18.28 34.65 52.60
C GLU C 124 -17.60 35.13 53.87
N LYS C 125 -18.35 35.73 54.78
CA LYS C 125 -17.77 36.06 56.08
C LYS C 125 -17.37 34.80 56.83
N LEU C 126 -18.19 33.75 56.69
CA LEU C 126 -17.93 32.50 57.39
C LEU C 126 -16.70 31.76 56.87
N ILE C 127 -16.69 31.46 55.58
CA ILE C 127 -15.58 30.75 54.94
C ILE C 127 -15.46 31.34 53.54
N PRO C 128 -14.37 32.07 53.26
CA PRO C 128 -14.26 32.70 51.94
C PRO C 128 -14.38 31.71 50.77
N TYR C 129 -15.07 32.12 49.72
CA TYR C 129 -15.30 31.27 48.57
C TYR C 129 -13.99 30.83 47.90
N ASN C 130 -13.04 31.75 47.77
CA ASN C 130 -11.74 31.43 47.18
C ASN C 130 -11.02 30.29 47.90
N ILE C 131 -10.91 30.41 49.22
CA ILE C 131 -10.37 29.33 50.05
C ILE C 131 -11.10 28.01 49.80
N PHE C 132 -12.43 28.05 49.75
CA PHE C 132 -13.19 26.82 49.61
C PHE C 132 -12.88 26.19 48.26
N LEU C 133 -12.95 26.99 47.20
CA LEU C 133 -12.84 26.42 45.87
C LEU C 133 -11.42 25.96 45.58
N ASN C 134 -10.42 26.67 46.09
CA ASN C 134 -9.03 26.31 45.78
C ASN C 134 -8.24 25.51 46.82
N ALA C 135 -8.72 25.44 48.08
CA ALA C 135 -7.97 24.74 49.12
C ALA C 135 -8.78 23.69 49.90
N ILE C 136 -10.10 23.84 49.93
CA ILE C 136 -10.90 22.85 50.66
C ILE C 136 -11.49 21.80 49.71
N TYR C 137 -12.03 22.26 48.59
CA TYR C 137 -12.72 21.36 47.67
C TYR C 137 -11.97 21.31 46.36
N ILE C 138 -11.31 20.20 46.12
CA ILE C 138 -10.64 19.97 44.85
C ILE C 138 -11.56 19.21 43.89
N ARG C 139 -12.20 19.94 42.98
CA ARG C 139 -13.09 19.35 41.96
C ARG C 139 -12.38 18.42 40.99
N GLN C 140 -13.13 17.44 40.48
CA GLN C 140 -12.58 16.49 39.53
C GLN C 140 -11.95 17.27 38.38
N GLY C 141 -10.75 16.86 38.00
CA GLY C 141 -10.02 17.52 36.93
C GLY C 141 -9.21 18.72 37.37
N GLN C 142 -9.29 19.10 38.64
CA GLN C 142 -8.65 20.34 39.09
C GLN C 142 -7.46 20.08 40.02
N ILE C 143 -6.96 18.85 40.06
CA ILE C 143 -5.80 18.52 40.91
C ILE C 143 -4.58 19.37 40.52
N ASP C 144 -4.42 19.66 39.23
CA ASP C 144 -3.29 20.46 38.79
C ASP C 144 -3.58 21.95 38.71
N ALA C 145 -4.73 22.39 39.23
CA ALA C 145 -5.13 23.79 39.09
C ALA C 145 -4.12 24.72 39.74
N ILE C 146 -3.65 24.34 40.91
CA ILE C 146 -2.70 25.18 41.62
C ILE C 146 -1.37 25.29 40.86
N LEU C 147 -1.07 24.29 40.04
CA LEU C 147 0.19 24.24 39.30
C LEU C 147 0.11 25.02 38.00
N GLU C 148 -1.12 25.37 37.60
CA GLU C 148 -1.37 25.99 36.30
C GLU C 148 -0.88 27.44 36.26
N SER C 149 -1.37 28.25 37.19
CA SER C 149 -0.98 29.66 37.26
C SER C 149 0.37 29.83 37.96
N ASP C 150 0.80 31.08 38.07
CA ASP C 150 1.96 31.46 38.88
C ASP C 150 1.50 32.55 39.84
N GLU C 151 0.22 32.93 39.74
CA GLU C 151 -0.35 33.99 40.57
C GLU C 151 -1.85 33.83 40.82
N ALA C 152 -2.38 32.64 40.54
CA ALA C 152 -3.68 32.24 41.05
C ALA C 152 -3.42 31.22 42.15
N ARG C 153 -2.22 30.68 42.15
CA ARG C 153 -1.68 30.01 43.30
C ARG C 153 -1.33 31.08 44.33
N GLU C 154 -0.75 32.19 43.86
CA GLU C 154 -0.43 33.31 44.75
C GLU C 154 -1.67 33.82 45.45
N LYS C 155 -2.80 33.79 44.75
CA LYS C 155 -4.07 34.26 45.32
C LYS C 155 -4.49 33.36 46.46
N VAL C 156 -4.62 32.06 46.17
CA VAL C 156 -5.10 31.14 47.19
C VAL C 156 -4.11 31.07 48.33
N VAL C 157 -2.82 31.03 48.01
CA VAL C 157 -1.79 30.99 49.04
C VAL C 157 -1.98 32.21 49.93
N ARG C 158 -1.96 33.40 49.32
CA ARG C 158 -2.14 34.65 50.04
C ARG C 158 -3.38 34.64 50.95
N GLU C 159 -4.52 34.28 50.38
CA GLU C 159 -5.79 34.30 51.12
C GLU C 159 -5.82 33.24 52.21
N VAL C 160 -5.16 32.11 51.95
CA VAL C 160 -5.01 31.03 52.92
C VAL C 160 -4.17 31.52 54.10
N LEU C 161 -3.03 32.16 53.83
CA LEU C 161 -2.17 32.70 54.89
C LEU C 161 -2.82 33.87 55.61
N ASN C 162 -3.84 34.45 54.99
CA ASN C 162 -4.51 35.63 55.54
C ASN C 162 -5.48 35.31 56.69
N LEU C 163 -5.60 34.04 57.04
CA LEU C 163 -6.51 33.60 58.08
C LEU C 163 -5.77 33.43 59.39
N THR C 183 7.14 55.71 65.71
CA THR C 183 6.04 54.93 65.19
C THR C 183 6.45 54.23 63.90
N GLU C 184 7.37 54.84 63.15
CA GLU C 184 7.94 54.21 61.97
C GLU C 184 8.60 52.87 62.35
N GLU C 185 9.24 52.86 63.51
CA GLU C 185 9.90 51.66 64.02
C GLU C 185 8.90 50.52 64.18
N LEU C 186 7.78 50.79 64.84
CA LEU C 186 6.77 49.78 65.08
C LEU C 186 6.15 49.27 63.77
N ILE C 187 5.82 50.20 62.86
CA ILE C 187 5.35 49.83 61.52
C ILE C 187 6.33 48.90 60.81
N GLU C 188 7.60 49.28 60.83
CA GLU C 188 8.65 48.45 60.22
C GLU C 188 8.74 47.07 60.88
N LYS C 189 8.73 47.04 62.21
CA LYS C 189 8.79 45.79 62.97
C LYS C 189 7.61 44.90 62.61
N VAL C 190 6.42 45.50 62.57
CA VAL C 190 5.19 44.81 62.19
C VAL C 190 5.31 44.21 60.80
N LYS C 191 5.67 45.04 59.80
CA LYS C 191 5.79 44.55 58.43
C LYS C 191 6.84 43.43 58.30
N LYS C 192 8.01 43.65 58.90
CA LYS C 192 9.06 42.64 58.87
C LYS C 192 8.54 41.34 59.48
N TYR C 193 7.86 41.46 60.62
CA TYR C 193 7.37 40.28 61.30
C TYR C 193 6.33 39.53 60.45
N LYS C 194 5.41 40.30 59.85
CA LYS C 194 4.40 39.73 58.95
C LYS C 194 5.08 38.94 57.84
N ALA C 195 6.09 39.57 57.23
CA ALA C 195 6.83 38.92 56.15
C ALA C 195 7.41 37.60 56.65
N LEU C 196 8.05 37.66 57.83
CA LEU C 196 8.59 36.45 58.45
C LEU C 196 7.53 35.34 58.61
N ALA C 197 6.38 35.70 59.15
CA ALA C 197 5.30 34.76 59.38
C ALA C 197 4.81 34.12 58.07
N ARG C 198 4.63 34.95 57.04
CA ARG C 198 4.30 34.43 55.71
C ARG C 198 5.34 33.42 55.25
N GLU C 199 6.61 33.84 55.32
CA GLU C 199 7.71 32.95 54.91
C GLU C 199 7.65 31.62 55.67
N ALA C 200 7.45 31.69 56.98
CA ALA C 200 7.37 30.48 57.80
C ALA C 200 6.20 29.57 57.39
N ALA C 201 5.04 30.16 57.13
CA ALA C 201 3.92 29.36 56.63
C ALA C 201 4.25 28.66 55.31
N LEU C 202 4.73 29.44 54.35
CA LEU C 202 5.12 28.89 53.06
C LEU C 202 6.16 27.78 53.22
N SER C 203 7.16 28.02 54.05
CA SER C 203 8.18 27.00 54.31
C SER C 203 7.54 25.73 54.87
N LYS C 204 6.63 25.87 55.82
CA LYS C 204 5.96 24.68 56.36
C LYS C 204 5.17 23.89 55.28
N ILE C 205 4.42 24.63 54.46
CA ILE C 205 3.71 24.03 53.32
C ILE C 205 4.71 23.32 52.37
N GLY C 206 5.84 23.98 52.14
CA GLY C 206 6.92 23.39 51.34
C GLY C 206 7.48 22.13 51.95
N GLU C 207 7.64 22.12 53.27
CA GLU C 207 8.16 20.96 53.97
C GLU C 207 7.23 19.76 53.80
N LEU C 208 5.96 19.99 54.11
CA LEU C 208 4.94 18.93 53.94
C LEU C 208 4.85 18.42 52.49
N ALA C 209 4.80 19.35 51.55
CA ALA C 209 4.68 18.96 50.14
C ALA C 209 5.93 18.19 49.72
N SER C 210 7.09 18.61 50.21
CA SER C 210 8.34 17.90 49.93
C SER C 210 8.30 16.46 50.45
N GLU C 211 7.89 16.30 51.71
CA GLU C 211 7.80 14.97 52.31
C GLU C 211 6.87 14.07 51.51
N ILE C 212 5.66 14.57 51.23
CA ILE C 212 4.66 13.80 50.50
C ILE C 212 5.13 13.47 49.08
N PHE C 213 5.68 14.47 48.39
CA PHE C 213 6.07 14.28 47.00
C PHE C 213 7.30 13.38 46.90
N ALA C 214 8.18 13.43 47.88
CA ALA C 214 9.33 12.51 47.91
C ALA C 214 8.83 11.08 48.17
N GLU C 215 7.84 10.94 49.05
CA GLU C 215 7.21 9.64 49.24
C GLU C 215 6.56 9.14 47.94
N PHE C 216 5.80 10.00 47.26
CA PHE C 216 5.09 9.64 46.03
C PHE C 216 6.02 9.14 44.92
N THR C 217 7.21 9.73 44.83
CA THR C 217 8.13 9.47 43.73
C THR C 217 9.37 8.73 44.19
N GLU C 218 9.31 8.13 45.37
CA GLU C 218 10.42 7.36 45.92
C GLU C 218 11.76 8.12 45.85
N GLY C 219 11.74 9.40 46.22
CA GLY C 219 12.97 10.20 46.30
C GLY C 219 13.51 10.68 44.96
N LYS C 220 12.81 10.40 43.88
CA LYS C 220 13.20 10.94 42.58
C LYS C 220 13.26 12.46 42.59
N TYR C 221 12.28 13.10 43.22
CA TYR C 221 12.32 14.54 43.43
C TYR C 221 12.49 14.81 44.92
N SER C 222 13.53 15.53 45.29
CA SER C 222 13.98 15.57 46.68
C SER C 222 13.35 16.68 47.47
N GLU C 223 12.85 17.70 46.78
CA GLU C 223 12.21 18.80 47.45
C GLU C 223 11.15 19.44 46.54
N VAL C 224 10.12 19.98 47.19
CA VAL C 224 9.17 20.87 46.56
C VAL C 224 9.39 22.26 47.14
N VAL C 225 9.76 23.19 46.27
CA VAL C 225 10.13 24.54 46.70
C VAL C 225 8.99 25.52 46.43
N VAL C 226 8.43 26.06 47.52
CA VAL C 226 7.34 27.01 47.45
C VAL C 226 7.84 28.32 48.00
N ARG C 227 7.95 29.34 47.17
CA ARG C 227 8.51 30.59 47.68
C ARG C 227 7.97 31.89 47.11
N ALA C 228 7.75 32.83 48.02
CA ALA C 228 7.22 34.15 47.72
C ALA C 228 8.24 34.99 47.01
N GLU C 229 7.79 35.62 45.93
CA GLU C 229 8.65 36.44 45.11
C GLU C 229 7.81 37.59 44.61
N GLU C 230 7.88 38.71 45.32
CA GLU C 230 7.13 39.89 44.97
C GLU C 230 5.63 39.58 44.95
N ASN C 231 5.02 39.66 43.76
CA ASN C 231 3.59 39.42 43.61
C ASN C 231 3.31 38.01 43.11
N LYS C 232 4.21 37.09 43.41
CA LYS C 232 4.11 35.72 42.91
C LYS C 232 4.55 34.69 43.94
N VAL C 233 3.94 33.52 43.90
CA VAL C 233 4.39 32.37 44.68
C VAL C 233 4.98 31.34 43.72
N ARG C 234 6.30 31.22 43.72
CA ARG C 234 6.99 30.28 42.86
C ARG C 234 6.80 28.86 43.38
N LEU C 235 6.71 27.92 42.45
CA LEU C 235 6.61 26.52 42.80
C LEU C 235 7.53 25.73 41.89
N PHE C 236 8.55 25.09 42.49
CA PHE C 236 9.51 24.31 41.73
C PHE C 236 9.70 22.91 42.32
N VAL C 237 10.28 22.02 41.51
CA VAL C 237 10.68 20.70 42.04
C VAL C 237 12.20 20.57 41.96
N VAL C 238 12.82 19.98 42.98
CA VAL C 238 14.27 19.74 42.94
C VAL C 238 14.56 18.35 42.40
N TRP C 239 15.37 18.31 41.36
CA TRP C 239 15.78 17.07 40.73
C TRP C 239 17.27 17.10 40.50
N GLU C 240 17.93 16.06 41.01
CA GLU C 240 19.32 15.72 40.70
C GLU C 240 20.30 16.84 40.33
N GLY C 241 20.49 17.89 41.13
CA GLY C 241 19.82 18.19 42.39
C GLY C 241 19.68 19.72 42.50
N LYS C 242 18.90 20.28 41.58
CA LYS C 242 18.66 21.72 41.48
C LYS C 242 17.18 21.97 41.20
N GLU C 243 16.76 23.22 41.35
CA GLU C 243 15.36 23.56 41.05
C GLU C 243 15.06 23.40 39.57
N ARG C 244 13.90 22.83 39.28
CA ARG C 244 13.39 22.72 37.92
C ARG C 244 11.94 23.25 37.86
N PRO C 245 11.58 23.85 36.72
CA PRO C 245 10.18 24.26 36.52
C PRO C 245 9.24 23.04 36.43
N LEU C 246 7.96 23.30 36.64
CA LEU C 246 6.97 22.24 36.73
C LEU C 246 6.77 21.47 35.43
N THR C 247 7.21 22.05 34.31
CA THR C 247 7.20 21.39 33.02
C THR C 247 8.15 20.19 32.95
N PHE C 248 9.10 20.12 33.87
CA PHE C 248 10.00 18.98 33.96
C PHE C 248 9.24 17.68 34.22
N LEU C 249 8.19 17.75 35.01
CA LEU C 249 7.46 16.58 35.47
C LEU C 249 6.71 15.85 34.34
N SER C 250 6.46 14.56 34.52
CA SER C 250 5.56 13.82 33.63
C SER C 250 4.10 14.12 34.02
N GLY C 251 3.13 13.61 33.26
CA GLY C 251 1.71 13.86 33.58
C GLY C 251 1.31 13.29 34.94
N GLY C 252 1.70 12.05 35.16
CA GLY C 252 1.44 11.35 36.42
C GLY C 252 2.11 12.05 37.60
N GLU C 253 3.33 12.52 37.36
CA GLU C 253 4.08 13.24 38.38
C GLU C 253 3.39 14.57 38.70
N ARG C 254 2.82 15.21 37.68
CA ARG C 254 2.09 16.45 37.90
C ARG C 254 0.89 16.18 38.82
N ILE C 255 0.18 15.10 38.54
CA ILE C 255 -0.91 14.71 39.46
C ILE C 255 -0.39 14.47 40.90
N ALA C 256 0.70 13.70 41.02
CA ALA C 256 1.31 13.47 42.34
C ALA C 256 1.68 14.76 43.09
N LEU C 257 2.24 15.72 42.36
CA LEU C 257 2.60 17.00 42.97
C LEU C 257 1.38 17.81 43.40
N GLY C 258 0.37 17.88 42.51
CA GLY C 258 -0.88 18.54 42.86
C GLY C 258 -1.42 17.98 44.16
N LEU C 259 -1.46 16.66 44.26
CA LEU C 259 -1.92 16.03 45.51
C LEU C 259 -1.03 16.40 46.70
N ALA C 260 0.29 16.27 46.53
CA ALA C 260 1.21 16.61 47.60
C ALA C 260 0.98 18.04 48.10
N PHE C 261 0.83 18.97 47.18
CA PHE C 261 0.65 20.36 47.55
C PHE C 261 -0.71 20.60 48.27
N GLU C 262 -1.78 20.07 47.68
CA GLU C 262 -3.12 20.20 48.28
C GLU C 262 -3.16 19.61 49.71
N LEU C 263 -2.57 18.44 49.86
CA LEU C 263 -2.48 17.77 51.16
C LEU C 263 -1.65 18.61 52.14
N ALA C 264 -0.50 19.12 51.68
CA ALA C 264 0.36 19.94 52.53
C ALA C 264 -0.41 21.15 53.05
N MET C 265 -1.11 21.83 52.14
CA MET C 265 -1.96 22.96 52.54
C MET C 265 -3.08 22.57 53.51
N SER C 266 -3.76 21.45 53.24
CA SER C 266 -4.78 20.99 54.18
C SER C 266 -4.21 20.64 55.55
N LEU C 267 -3.03 20.04 55.57
CA LEU C 267 -2.38 19.75 56.84
C LEU C 267 -1.98 21.04 57.57
N TYR C 268 -1.48 22.01 56.83
CA TYR C 268 -1.14 23.30 57.44
C TYR C 268 -2.39 23.98 58.03
N LEU C 269 -3.54 23.74 57.41
CA LEU C 269 -4.80 24.35 57.84
C LEU C 269 -5.64 23.41 58.71
N ALA C 270 -5.03 22.36 59.26
CA ALA C 270 -5.76 21.28 59.92
C ALA C 270 -6.57 21.76 61.14
N GLY C 271 -6.02 22.72 61.88
CA GLY C 271 -6.68 23.26 63.04
C GLY C 271 -7.69 24.35 62.74
N GLU C 272 -7.46 25.06 61.64
CA GLU C 272 -8.28 26.23 61.27
C GLU C 272 -9.51 25.89 60.43
N ILE C 273 -9.33 25.02 59.43
CA ILE C 273 -10.39 24.65 58.51
C ILE C 273 -10.80 23.20 58.78
N SER C 274 -9.81 22.29 58.78
CA SER C 274 -9.98 20.92 59.24
C SER C 274 -10.80 20.04 58.27
N LEU C 275 -10.94 20.51 57.03
CA LEU C 275 -11.79 19.82 56.05
C LEU C 275 -11.12 19.77 54.69
N LEU C 276 -11.04 18.57 54.13
CA LEU C 276 -10.59 18.38 52.76
C LEU C 276 -11.60 17.55 51.98
N ILE C 277 -12.03 18.09 50.83
CA ILE C 277 -12.92 17.37 49.94
C ILE C 277 -12.16 17.14 48.64
N LEU C 278 -11.88 15.88 48.34
CA LEU C 278 -11.06 15.50 47.21
C LEU C 278 -11.83 14.57 46.25
N ASP C 279 -12.02 15.02 45.00
CA ASP C 279 -12.62 14.17 43.97
C ASP C 279 -11.47 13.33 43.33
N GLU C 280 -11.82 12.41 42.44
CA GLU C 280 -10.91 11.40 41.87
C GLU C 280 -9.40 11.70 41.88
N PRO C 281 -8.67 11.13 42.83
CA PRO C 281 -7.23 11.40 42.93
C PRO C 281 -6.33 10.47 42.08
N THR C 282 -6.90 9.58 41.26
CA THR C 282 -6.05 8.61 40.53
C THR C 282 -5.76 8.85 39.04
N PRO C 283 -6.23 9.96 38.45
CA PRO C 283 -5.95 10.04 37.01
C PRO C 283 -4.44 10.08 36.70
N TYR C 284 -4.03 9.36 35.66
CA TYR C 284 -2.66 9.34 35.16
C TYR C 284 -1.67 8.55 36.01
N LEU C 285 -2.12 8.11 37.18
CA LEU C 285 -1.24 7.40 38.09
C LEU C 285 -1.11 5.93 37.71
N ASP C 286 0.12 5.44 37.63
CA ASP C 286 0.36 4.03 37.36
C ASP C 286 0.08 3.19 38.63
N GLU C 287 0.28 1.89 38.55
CA GLU C 287 -0.06 0.96 39.64
C GLU C 287 0.70 1.25 40.98
N GLU C 288 2.01 1.42 40.88
CA GLU C 288 2.83 1.80 42.01
C GLU C 288 2.37 3.11 42.66
N ARG C 289 2.06 4.11 41.84
CA ARG C 289 1.63 5.41 42.36
C ARG C 289 0.27 5.31 43.07
N ARG C 290 -0.57 4.37 42.61
N ARG C 290 -0.58 4.38 42.61
CA ARG C 290 -1.86 4.15 43.27
CA ARG C 290 -1.86 4.16 43.27
C ARG C 290 -1.61 3.51 44.64
C ARG C 290 -1.62 3.50 44.63
N ARG C 291 -0.71 2.52 44.66
CA ARG C 291 -0.25 1.96 45.94
C ARG C 291 0.27 3.04 46.93
N LYS C 292 1.14 3.91 46.41
CA LYS C 292 1.67 5.01 47.20
C LYS C 292 0.55 5.95 47.66
N LEU C 293 -0.43 6.17 46.79
CA LEU C 293 -1.58 6.96 47.18
C LEU C 293 -2.24 6.34 48.42
N ILE C 294 -2.46 5.02 48.40
CA ILE C 294 -2.99 4.37 49.62
C ILE C 294 -2.10 4.64 50.86
N THR C 295 -0.80 4.41 50.70
CA THR C 295 0.13 4.80 51.76
C THR C 295 -0.06 6.26 52.26
N ILE C 296 -0.17 7.18 51.32
CA ILE C 296 -0.28 8.58 51.68
C ILE C 296 -1.62 8.87 52.36
N MET C 297 -2.67 8.17 51.95
CA MET C 297 -3.95 8.25 52.64
C MET C 297 -3.72 7.87 54.09
N GLU C 298 -3.06 6.73 54.29
CA GLU C 298 -2.83 6.24 55.64
C GLU C 298 -2.00 7.20 56.49
N ARG C 299 -0.88 7.68 55.96
CA ARG C 299 0.00 8.57 56.74
C ARG C 299 -0.53 10.01 56.96
N TYR C 300 -1.09 10.63 55.92
CA TYR C 300 -1.39 12.07 55.94
C TYR C 300 -2.87 12.44 56.04
N LEU C 301 -3.74 11.78 55.28
CA LEU C 301 -5.16 12.10 55.32
C LEU C 301 -5.76 11.86 56.70
N LYS C 302 -5.12 11.00 57.51
CA LYS C 302 -5.62 10.71 58.85
C LYS C 302 -5.39 11.86 59.83
N LYS C 303 -4.60 12.85 59.42
CA LYS C 303 -4.24 13.96 60.30
C LYS C 303 -5.13 15.18 60.05
N ILE C 304 -6.08 15.00 59.13
CA ILE C 304 -7.04 16.03 58.79
C ILE C 304 -8.36 15.58 59.42
N PRO C 305 -8.93 16.39 60.35
CA PRO C 305 -10.07 15.87 61.13
C PRO C 305 -11.22 15.31 60.30
N GLN C 306 -11.60 15.96 59.20
CA GLN C 306 -12.57 15.37 58.28
C GLN C 306 -12.07 15.39 56.84
N VAL C 307 -12.10 14.22 56.21
CA VAL C 307 -11.83 14.14 54.79
C VAL C 307 -13.03 13.51 54.08
N ILE C 308 -13.40 14.11 52.95
CA ILE C 308 -14.39 13.51 52.06
C ILE C 308 -13.67 13.20 50.76
N LEU C 309 -13.52 11.92 50.49
CA LEU C 309 -12.75 11.44 49.35
C LEU C 309 -13.64 10.66 48.39
N VAL C 310 -13.55 10.97 47.11
CA VAL C 310 -14.39 10.33 46.11
C VAL C 310 -13.51 9.62 45.09
N SER C 311 -13.80 8.35 44.83
CA SER C 311 -13.08 7.60 43.79
C SER C 311 -13.89 6.47 43.20
N HIS C 312 -13.40 5.94 42.08
CA HIS C 312 -13.85 4.66 41.52
C HIS C 312 -12.88 3.54 41.86
N ASP C 313 -11.81 3.87 42.57
CA ASP C 313 -10.74 2.90 42.87
C ASP C 313 -11.04 2.12 44.17
N GLU C 314 -11.49 0.88 44.00
CA GLU C 314 -11.84 0.00 45.12
C GLU C 314 -10.73 -0.14 46.17
N GLU C 315 -9.48 -0.04 45.74
CA GLU C 315 -8.34 -0.33 46.61
C GLU C 315 -8.23 0.70 47.74
N LEU C 316 -8.82 1.87 47.54
CA LEU C 316 -8.77 2.90 48.56
C LEU C 316 -9.67 2.54 49.74
N LYS C 317 -10.58 1.57 49.56
CA LYS C 317 -11.58 1.28 50.59
C LYS C 317 -10.97 0.96 51.95
N ASP C 318 -9.89 0.17 51.92
CA ASP C 318 -9.24 -0.25 53.15
C ASP C 318 -8.61 0.93 53.89
N ALA C 319 -8.38 2.04 53.19
CA ALA C 319 -7.67 3.15 53.82
C ALA C 319 -8.64 4.10 54.52
N ALA C 320 -9.90 4.06 54.13
CA ALA C 320 -10.89 4.99 54.65
C ALA C 320 -11.28 4.65 56.08
N ASP C 321 -12.09 5.52 56.68
CA ASP C 321 -12.69 5.29 58.00
C ASP C 321 -14.18 5.05 57.90
N HIS C 322 -14.77 5.56 56.84
CA HIS C 322 -16.19 5.36 56.56
C HIS C 322 -16.36 5.22 55.06
N VAL C 323 -17.16 4.24 54.66
CA VAL C 323 -17.34 3.93 53.25
C VAL C 323 -18.82 4.00 52.87
N ILE C 324 -19.10 4.76 51.83
CA ILE C 324 -20.43 4.83 51.25
C ILE C 324 -20.32 4.44 49.79
N ARG C 325 -21.09 3.45 49.40
CA ARG C 325 -21.10 3.00 48.02
C ARG C 325 -22.25 3.64 47.25
N ILE C 326 -21.92 4.19 46.09
N ILE C 326 -21.92 4.21 46.10
CA ILE C 326 -22.92 4.80 45.24
CA ILE C 326 -22.92 4.80 45.22
C ILE C 326 -23.00 4.04 43.92
C ILE C 326 -23.00 4.00 43.94
N SER C 327 -24.22 3.82 43.43
CA SER C 327 -24.42 3.13 42.17
C SER C 327 -25.63 3.71 41.48
N LEU C 328 -25.79 3.40 40.20
CA LEU C 328 -26.88 3.94 39.40
C LEU C 328 -27.93 2.86 39.24
N GLU C 329 -29.14 3.13 39.75
CA GLU C 329 -30.27 2.20 39.68
C GLU C 329 -31.48 2.92 39.10
N ASN C 330 -32.02 2.40 38.00
CA ASN C 330 -33.16 3.03 37.33
C ASN C 330 -32.84 4.45 36.89
N GLY C 331 -31.58 4.71 36.63
CA GLY C 331 -31.18 6.05 36.24
C GLY C 331 -31.32 7.02 37.40
N SER C 332 -31.26 6.52 38.62
CA SER C 332 -31.11 7.39 39.77
C SER C 332 -30.02 6.84 40.69
N SER C 333 -29.29 7.75 41.35
CA SER C 333 -28.24 7.34 42.28
C SER C 333 -28.83 6.68 43.52
N LYS C 334 -28.21 5.56 43.87
CA LYS C 334 -28.54 4.83 45.07
C LYS C 334 -27.28 4.84 45.93
N VAL C 335 -27.48 5.13 47.22
CA VAL C 335 -26.40 5.27 48.19
C VAL C 335 -26.54 4.17 49.23
N GLU C 336 -25.43 3.51 49.53
CA GLU C 336 -25.42 2.45 50.53
C GLU C 336 -24.30 2.76 51.51
N VAL C 337 -24.64 2.83 52.79
CA VAL C 337 -23.65 3.00 53.85
C VAL C 337 -22.97 1.66 54.18
N VAL C 338 -21.69 1.54 53.87
CA VAL C 338 -20.96 0.29 54.14
C VAL C 338 -20.27 0.34 55.50
N SER C 339 -19.73 1.52 55.83
CA SER C 339 -19.05 1.74 57.11
C SER C 339 -19.18 3.21 57.51
N MET D 1 3.53 -5.00 -7.14
CA MET D 1 4.96 -5.13 -7.53
C MET D 1 5.33 -4.00 -8.48
N LYS D 2 6.54 -3.46 -8.28
CA LYS D 2 7.02 -2.34 -9.09
C LYS D 2 8.54 -2.36 -9.24
N LEU D 3 9.02 -2.33 -10.48
CA LEU D 3 10.44 -2.21 -10.77
C LEU D 3 10.90 -0.76 -10.71
N GLU D 4 11.94 -0.50 -9.92
CA GLU D 4 12.38 0.87 -9.72
C GLU D 4 13.61 1.18 -10.54
N ARG D 5 14.57 0.25 -10.54
CA ARG D 5 15.89 0.54 -11.09
C ARG D 5 16.67 -0.73 -11.45
N VAL D 6 17.31 -0.70 -12.62
CA VAL D 6 18.11 -1.81 -13.10
C VAL D 6 19.49 -1.28 -13.45
N THR D 7 20.53 -1.92 -12.90
CA THR D 7 21.91 -1.57 -13.22
C THR D 7 22.60 -2.83 -13.73
N VAL D 8 23.15 -2.74 -14.93
CA VAL D 8 23.71 -3.91 -15.59
C VAL D 8 25.10 -3.53 -16.05
N LYS D 9 26.09 -4.37 -15.73
CA LYS D 9 27.43 -4.24 -16.29
C LYS D 9 27.87 -5.53 -16.96
N ASN D 10 28.40 -5.40 -18.18
CA ASN D 10 28.91 -6.53 -18.96
C ASN D 10 27.91 -7.69 -19.10
N PHE D 11 26.68 -7.35 -19.47
CA PHE D 11 25.66 -8.33 -19.83
C PHE D 11 25.34 -8.16 -21.30
N ARG D 12 25.70 -9.16 -22.11
CA ARG D 12 25.56 -9.11 -23.58
C ARG D 12 26.07 -7.77 -24.13
N SER D 13 25.20 -7.03 -24.83
CA SER D 13 25.58 -5.74 -25.41
C SER D 13 25.85 -4.63 -24.37
N HIS D 14 25.40 -4.81 -23.14
CA HIS D 14 25.48 -3.74 -22.13
C HIS D 14 26.79 -3.79 -21.36
N SER D 15 27.63 -2.79 -21.61
CA SER D 15 28.87 -2.65 -20.87
C SER D 15 28.60 -2.06 -19.48
N ASP D 16 27.82 -0.97 -19.45
CA ASP D 16 27.51 -0.24 -18.23
C ASP D 16 26.23 0.56 -18.44
N THR D 17 25.12 0.06 -17.89
CA THR D 17 23.79 0.60 -18.17
C THR D 17 23.01 0.76 -16.88
N VAL D 18 22.33 1.90 -16.75
CA VAL D 18 21.41 2.15 -15.65
C VAL D 18 20.06 2.62 -16.22
N VAL D 19 18.99 1.93 -15.83
CA VAL D 19 17.65 2.32 -16.25
C VAL D 19 16.72 2.48 -15.05
N GLU D 20 16.12 3.65 -14.95
N GLU D 20 16.11 3.65 -14.96
CA GLU D 20 15.12 3.92 -13.92
CA GLU D 20 15.12 3.94 -13.91
C GLU D 20 13.72 3.76 -14.49
C GLU D 20 13.70 3.80 -14.46
N PHE D 21 12.95 2.86 -13.88
CA PHE D 21 11.58 2.59 -14.33
C PHE D 21 10.61 3.35 -13.47
N LYS D 22 9.61 3.92 -14.13
CA LYS D 22 8.60 4.73 -13.45
C LYS D 22 7.24 4.07 -13.59
N GLU D 23 6.23 4.72 -13.03
CA GLU D 23 4.84 4.28 -13.21
C GLU D 23 4.45 4.40 -14.67
N GLY D 24 3.41 3.68 -15.07
CA GLY D 24 2.87 3.83 -16.41
C GLY D 24 3.66 3.02 -17.41
N ILE D 25 3.49 3.37 -18.69
CA ILE D 25 4.13 2.62 -19.79
C ILE D 25 5.54 3.17 -20.05
N ASN D 26 6.53 2.35 -19.70
CA ASN D 26 7.93 2.59 -20.01
C ASN D 26 8.27 1.84 -21.28
N LEU D 27 8.47 2.61 -22.35
CA LEU D 27 8.84 2.05 -23.65
C LEU D 27 10.35 2.09 -23.84
N ILE D 28 10.90 0.94 -24.17
CA ILE D 28 12.30 0.87 -24.57
C ILE D 28 12.32 0.70 -26.08
N ILE D 29 12.75 1.74 -26.78
CA ILE D 29 12.75 1.78 -28.24
C ILE D 29 14.17 1.75 -28.82
N GLY D 30 14.37 0.96 -29.87
CA GLY D 30 15.66 0.82 -30.51
C GLY D 30 15.67 -0.22 -31.60
N GLN D 31 16.65 -0.10 -32.50
CA GLN D 31 16.77 -1.02 -33.63
C GLN D 31 17.06 -2.46 -33.22
N ASN D 32 16.81 -3.38 -34.15
CA ASN D 32 17.23 -4.77 -33.97
C ASN D 32 18.69 -4.79 -33.51
N GLY D 33 18.96 -5.52 -32.43
CA GLY D 33 20.32 -5.74 -31.97
C GLY D 33 20.98 -4.61 -31.18
N SER D 34 20.16 -3.71 -30.65
CA SER D 34 20.64 -2.58 -29.86
C SER D 34 20.82 -2.90 -28.36
N GLY D 35 20.14 -3.92 -27.86
CA GLY D 35 20.25 -4.34 -26.47
C GLY D 35 18.97 -4.38 -25.64
N LYS D 36 17.82 -4.38 -26.28
CA LYS D 36 16.54 -4.26 -25.57
C LYS D 36 16.20 -5.53 -24.79
N SER D 37 16.15 -6.65 -25.48
CA SER D 37 15.81 -7.91 -24.81
C SER D 37 16.88 -8.30 -23.79
N SER D 38 18.14 -7.94 -24.03
CA SER D 38 19.21 -8.23 -23.07
C SER D 38 18.92 -7.64 -21.69
N LEU D 39 18.39 -6.42 -21.69
CA LEU D 39 17.98 -5.75 -20.45
C LEU D 39 16.91 -6.56 -19.70
N LEU D 40 15.81 -6.90 -20.41
CA LEU D 40 14.71 -7.67 -19.81
C LEU D 40 15.20 -9.02 -19.27
N ASP D 41 16.02 -9.71 -20.07
CA ASP D 41 16.62 -10.95 -19.59
C ASP D 41 17.60 -10.75 -18.39
N ALA D 42 18.33 -9.63 -18.35
CA ALA D 42 19.12 -9.31 -17.17
C ALA D 42 18.20 -9.20 -15.96
N ILE D 43 17.04 -8.56 -16.14
CA ILE D 43 16.06 -8.50 -15.04
C ILE D 43 15.63 -9.91 -14.56
N LEU D 44 15.23 -10.76 -15.51
CA LEU D 44 14.89 -12.15 -15.19
C LEU D 44 15.99 -12.89 -14.43
N VAL D 45 17.22 -12.76 -14.94
CA VAL D 45 18.39 -13.37 -14.29
C VAL D 45 18.55 -12.79 -12.88
N GLY D 46 18.40 -11.48 -12.76
CA GLY D 46 18.56 -10.83 -11.48
C GLY D 46 17.56 -11.35 -10.46
N LEU D 47 16.31 -11.49 -10.88
CA LEU D 47 15.30 -11.99 -9.95
C LEU D 47 15.47 -13.48 -9.63
N TYR D 48 15.68 -14.31 -10.64
CA TYR D 48 15.43 -15.75 -10.47
C TYR D 48 16.60 -16.69 -10.71
N TRP D 49 17.78 -16.15 -10.96
CA TRP D 49 18.96 -17.00 -11.11
C TRP D 49 19.13 -17.89 -9.89
N PRO D 50 19.44 -19.19 -10.08
CA PRO D 50 19.74 -19.94 -11.32
C PRO D 50 18.51 -20.25 -12.14
N LEU D 51 18.58 -19.95 -13.42
CA LEU D 51 17.53 -20.30 -14.35
C LEU D 51 17.89 -21.64 -14.98
N ARG D 52 16.87 -22.39 -15.39
CA ARG D 52 17.11 -23.60 -16.17
C ARG D 52 16.52 -23.35 -17.55
N ILE D 53 16.98 -22.26 -18.16
CA ILE D 53 16.52 -21.84 -19.48
C ILE D 53 17.64 -22.02 -20.51
N LYS D 54 17.40 -22.89 -21.48
CA LYS D 54 18.42 -23.32 -22.44
C LYS D 54 19.24 -22.17 -23.03
N ASP D 55 18.58 -21.10 -23.43
CA ASP D 55 19.25 -20.03 -24.15
C ASP D 55 19.80 -18.93 -23.25
N ILE D 56 19.82 -19.13 -21.94
CA ILE D 56 20.42 -18.14 -21.03
C ILE D 56 21.54 -18.75 -20.18
N LYS D 57 22.78 -18.58 -20.64
CA LYS D 57 23.95 -19.16 -20.00
C LYS D 57 24.99 -18.10 -19.62
N LYS D 58 25.45 -18.13 -18.37
CA LYS D 58 26.35 -17.10 -17.88
C LYS D 58 27.67 -17.00 -18.68
N ASP D 59 28.24 -18.12 -19.09
CA ASP D 59 29.45 -18.06 -19.92
C ASP D 59 29.17 -17.33 -21.23
N GLU D 60 27.92 -17.31 -21.66
CA GLU D 60 27.54 -16.66 -22.92
C GLU D 60 27.04 -15.25 -22.71
N PHE D 61 26.34 -14.96 -21.61
CA PHE D 61 25.84 -13.60 -21.42
C PHE D 61 26.89 -12.61 -20.87
N THR D 62 28.02 -13.13 -20.40
CA THR D 62 29.15 -12.28 -20.05
C THR D 62 29.62 -11.55 -21.29
N LYS D 63 29.63 -10.23 -21.24
CA LYS D 63 29.98 -9.41 -22.40
C LYS D 63 31.38 -9.75 -22.92
N VAL D 64 31.48 -9.88 -24.24
CA VAL D 64 32.73 -10.25 -24.90
C VAL D 64 33.86 -9.32 -24.47
N GLY D 65 34.97 -9.91 -24.04
CA GLY D 65 36.14 -9.16 -23.63
C GLY D 65 36.20 -8.87 -22.14
N ALA D 66 35.27 -9.44 -21.37
CA ALA D 66 35.18 -9.18 -19.93
C ALA D 66 34.88 -10.47 -19.15
N ARG D 67 34.88 -10.35 -17.83
CA ARG D 67 34.57 -11.48 -16.95
C ARG D 67 33.64 -11.14 -15.79
N ASP D 68 33.66 -9.89 -15.35
N ASP D 68 33.66 -9.89 -15.35
CA ASP D 68 32.82 -9.45 -14.24
CA ASP D 68 32.81 -9.43 -14.25
C ASP D 68 31.49 -8.94 -14.75
C ASP D 68 31.48 -8.95 -14.79
N THR D 69 30.42 -9.70 -14.53
CA THR D 69 29.08 -9.30 -14.94
C THR D 69 28.33 -8.96 -13.68
N TYR D 70 27.62 -7.84 -13.69
CA TYR D 70 26.98 -7.34 -12.48
C TYR D 70 25.54 -6.96 -12.77
N ILE D 71 24.63 -7.43 -11.93
CA ILE D 71 23.20 -7.09 -12.06
C ILE D 71 22.68 -6.63 -10.69
N ASP D 72 22.09 -5.44 -10.66
CA ASP D 72 21.55 -4.86 -9.46
C ASP D 72 20.14 -4.40 -9.74
N LEU D 73 19.18 -5.01 -9.05
N LEU D 73 19.18 -5.03 -9.08
CA LEU D 73 17.76 -4.73 -9.30
CA LEU D 73 17.76 -4.73 -9.29
C LEU D 73 17.09 -4.23 -8.03
C LEU D 73 17.14 -4.18 -8.01
N ILE D 74 16.50 -3.03 -8.12
CA ILE D 74 15.72 -2.45 -7.03
C ILE D 74 14.24 -2.52 -7.41
N PHE D 75 13.45 -3.19 -6.57
CA PHE D 75 12.01 -3.31 -6.84
C PHE D 75 11.21 -3.25 -5.54
N GLU D 76 9.91 -3.02 -5.66
CA GLU D 76 9.02 -2.93 -4.51
C GLU D 76 7.95 -4.01 -4.61
N LYS D 77 7.70 -4.66 -3.48
CA LYS D 77 6.62 -5.63 -3.32
C LYS D 77 5.98 -5.53 -1.92
N ASP D 78 4.68 -5.30 -1.88
CA ASP D 78 3.90 -5.24 -0.64
C ASP D 78 4.42 -4.17 0.30
N GLY D 79 4.80 -3.03 -0.26
CA GLY D 79 5.27 -1.91 0.54
C GLY D 79 6.74 -2.00 0.91
N THR D 80 7.35 -3.15 0.69
CA THR D 80 8.75 -3.33 1.01
C THR D 80 9.61 -3.12 -0.22
N LYS D 81 10.70 -2.36 -0.04
CA LYS D 81 11.63 -2.10 -1.11
C LYS D 81 12.77 -3.09 -0.98
N TYR D 82 12.95 -3.90 -2.02
CA TYR D 82 13.99 -4.91 -2.08
C TYR D 82 15.06 -4.57 -3.11
N ARG D 83 16.25 -5.10 -2.88
CA ARG D 83 17.37 -4.95 -3.80
C ARG D 83 18.07 -6.31 -3.91
N ILE D 84 18.22 -6.79 -5.14
CA ILE D 84 18.98 -8.02 -5.38
C ILE D 84 20.19 -7.66 -6.21
N THR D 85 21.35 -8.10 -5.75
CA THR D 85 22.61 -7.83 -6.41
C THR D 85 23.29 -9.16 -6.69
N ARG D 86 23.70 -9.33 -7.95
CA ARG D 86 24.41 -10.51 -8.38
C ARG D 86 25.65 -10.11 -9.15
N ARG D 87 26.74 -10.80 -8.83
CA ARG D 87 28.01 -10.56 -9.45
C ARG D 87 28.51 -11.90 -9.95
N PHE D 88 28.67 -11.99 -11.26
CA PHE D 88 29.16 -13.20 -11.92
C PHE D 88 30.61 -13.00 -12.37
N LEU D 89 31.37 -14.07 -12.30
CA LEU D 89 32.78 -14.05 -12.67
C LEU D 89 33.07 -15.23 -13.58
N LYS D 90 33.06 -14.96 -14.88
CA LYS D 90 33.25 -15.98 -15.91
C LYS D 90 34.50 -16.82 -15.69
N GLY D 91 34.32 -18.13 -15.72
CA GLY D 91 35.40 -19.06 -15.46
C GLY D 91 35.87 -19.12 -14.02
N TYR D 92 35.10 -18.53 -13.10
CA TYR D 92 35.40 -18.73 -11.67
C TYR D 92 34.14 -18.47 -10.82
N SER D 93 33.19 -19.39 -10.91
CA SER D 93 31.90 -19.26 -10.23
C SER D 93 32.02 -19.21 -8.71
N SER D 94 33.14 -19.71 -8.19
CA SER D 94 33.36 -19.69 -6.75
C SER D 94 33.54 -18.26 -6.24
N GLY D 95 33.71 -17.30 -7.15
CA GLY D 95 33.90 -15.90 -6.79
C GLY D 95 32.65 -15.07 -7.03
N GLU D 96 31.55 -15.75 -7.31
CA GLU D 96 30.27 -15.10 -7.43
C GLU D 96 29.84 -14.56 -6.08
N ILE D 97 29.13 -13.44 -6.11
CA ILE D 97 28.49 -12.87 -4.94
C ILE D 97 27.02 -12.61 -5.27
N HIS D 98 26.12 -13.14 -4.44
CA HIS D 98 24.68 -12.91 -4.59
C HIS D 98 24.14 -12.38 -3.26
N ALA D 99 23.31 -11.33 -3.33
CA ALA D 99 22.71 -10.79 -2.12
C ALA D 99 21.31 -10.25 -2.38
N MET D 100 20.47 -10.36 -1.36
CA MET D 100 19.13 -9.79 -1.38
C MET D 100 18.88 -9.03 -0.11
N LYS D 101 18.49 -7.77 -0.27
CA LYS D 101 18.33 -6.87 0.85
C LYS D 101 16.99 -6.15 0.79
N ARG D 102 16.57 -5.64 1.95
CA ARG D 102 15.40 -4.78 2.11
C ARG D 102 15.83 -3.44 2.71
N LEU D 103 15.17 -2.37 2.30
CA LEU D 103 15.46 -1.06 2.85
C LEU D 103 14.73 -0.91 4.19
N VAL D 104 15.49 -0.75 5.27
CA VAL D 104 14.91 -0.51 6.59
C VAL D 104 15.21 0.93 6.97
N GLY D 105 14.20 1.79 6.89
CA GLY D 105 14.41 3.22 7.02
C GLY D 105 15.32 3.72 5.91
N ASN D 106 16.58 3.95 6.23
CA ASN D 106 17.55 4.45 5.25
C ASN D 106 18.75 3.53 5.06
N GLU D 107 18.63 2.29 5.55
CA GLU D 107 19.71 1.31 5.40
C GLU D 107 19.22 0.01 4.76
N TRP D 108 20.05 -0.55 3.87
CA TRP D 108 19.79 -1.85 3.25
C TRP D 108 20.27 -2.99 4.13
N LYS D 109 19.37 -3.92 4.43
CA LYS D 109 19.65 -5.02 5.34
C LYS D 109 19.35 -6.35 4.67
N HIS D 110 20.23 -7.32 4.88
CA HIS D 110 20.07 -8.64 4.26
C HIS D 110 18.74 -9.22 4.68
N VAL D 111 18.01 -9.78 3.72
CA VAL D 111 16.72 -10.40 3.96
C VAL D 111 16.88 -11.90 4.15
N THR D 112 17.96 -12.44 3.60
CA THR D 112 18.26 -13.85 3.78
C THR D 112 19.76 -14.05 3.64
N GLU D 113 20.21 -15.30 3.82
CA GLU D 113 21.62 -15.62 3.65
C GLU D 113 22.05 -15.19 2.22
N PRO D 114 23.26 -14.65 2.07
CA PRO D 114 23.71 -14.25 0.73
C PRO D 114 24.20 -15.43 -0.12
N SER D 115 23.27 -16.27 -0.55
CA SER D 115 23.55 -17.37 -1.46
C SER D 115 22.41 -17.44 -2.47
N SER D 116 22.69 -18.08 -3.61
CA SER D 116 21.69 -18.22 -4.67
C SER D 116 20.50 -19.06 -4.24
N LYS D 117 20.77 -20.16 -3.52
CA LYS D 117 19.69 -21.02 -3.04
C LYS D 117 18.75 -20.25 -2.12
N ALA D 118 19.29 -19.63 -1.09
CA ALA D 118 18.48 -18.92 -0.12
C ALA D 118 17.66 -17.81 -0.79
N ILE D 119 18.33 -17.05 -1.65
CA ILE D 119 17.67 -15.97 -2.37
C ILE D 119 16.54 -16.51 -3.25
N SER D 120 16.79 -17.64 -3.90
CA SER D 120 15.76 -18.30 -4.69
C SER D 120 14.58 -18.73 -3.83
N ALA D 121 14.89 -19.39 -2.71
CA ALA D 121 13.86 -19.84 -1.78
C ALA D 121 12.99 -18.66 -1.37
N PHE D 122 13.61 -17.53 -1.04
CA PHE D 122 12.86 -16.32 -0.65
C PHE D 122 12.02 -15.76 -1.79
N MET D 123 12.65 -15.55 -2.93
CA MET D 123 11.98 -14.96 -4.09
C MET D 123 10.78 -15.77 -4.55
N GLU D 124 10.92 -17.10 -4.54
CA GLU D 124 9.80 -17.98 -4.89
C GLU D 124 8.58 -17.69 -4.02
N LYS D 125 8.79 -17.55 -2.71
CA LYS D 125 7.71 -17.23 -1.78
C LYS D 125 7.16 -15.85 -2.09
N LEU D 126 8.06 -14.90 -2.34
CA LEU D 126 7.64 -13.54 -2.64
C LEU D 126 6.81 -13.45 -3.93
N ILE D 127 7.32 -14.02 -5.01
CA ILE D 127 6.69 -13.97 -6.32
C ILE D 127 7.02 -15.24 -7.11
N PRO D 128 6.11 -16.24 -7.14
CA PRO D 128 6.40 -17.54 -7.76
C PRO D 128 6.94 -17.43 -9.18
N TYR D 129 8.02 -18.15 -9.44
CA TYR D 129 8.72 -18.10 -10.72
C TYR D 129 7.80 -18.34 -11.94
N ASN D 130 6.89 -19.30 -11.83
CA ASN D 130 6.00 -19.65 -12.92
C ASN D 130 5.08 -18.49 -13.31
N ILE D 131 4.46 -17.86 -12.33
CA ILE D 131 3.58 -16.73 -12.63
C ILE D 131 4.41 -15.59 -13.22
N PHE D 132 5.68 -15.47 -12.83
CA PHE D 132 6.53 -14.42 -13.39
C PHE D 132 6.83 -14.71 -14.85
N LEU D 133 7.24 -15.94 -15.15
CA LEU D 133 7.54 -16.31 -16.51
C LEU D 133 6.31 -16.37 -17.41
N ASN D 134 5.16 -16.72 -16.84
CA ASN D 134 3.96 -16.91 -17.65
C ASN D 134 2.90 -15.79 -17.66
N ALA D 135 2.93 -14.89 -16.67
CA ALA D 135 1.95 -13.81 -16.61
C ALA D 135 2.55 -12.40 -16.41
N ILE D 136 3.80 -12.30 -15.99
CA ILE D 136 4.40 -10.99 -15.80
C ILE D 136 5.36 -10.62 -16.95
N TYR D 137 6.28 -11.53 -17.28
CA TYR D 137 7.29 -11.27 -18.29
C TYR D 137 7.02 -12.13 -19.53
N ILE D 138 6.56 -11.50 -20.60
CA ILE D 138 6.37 -12.22 -21.86
C ILE D 138 7.60 -12.03 -22.72
N ARG D 139 8.45 -13.05 -22.74
CA ARG D 139 9.71 -12.99 -23.48
C ARG D 139 9.47 -12.93 -24.98
N GLN D 140 10.44 -12.38 -25.71
CA GLN D 140 10.33 -12.28 -27.16
C GLN D 140 10.03 -13.65 -27.76
N GLY D 141 9.04 -13.70 -28.63
CA GLY D 141 8.70 -14.96 -29.26
C GLY D 141 7.76 -15.82 -28.43
N GLN D 142 7.33 -15.33 -27.27
CA GLN D 142 6.46 -16.14 -26.40
C GLN D 142 5.02 -15.63 -26.30
N ILE D 143 4.65 -14.71 -27.17
CA ILE D 143 3.32 -14.13 -27.12
C ILE D 143 2.22 -15.19 -27.29
N ASP D 144 2.49 -16.22 -28.08
CA ASP D 144 1.49 -17.21 -28.38
C ASP D 144 1.65 -18.42 -27.49
N ALA D 145 2.51 -18.30 -26.48
CA ALA D 145 2.84 -19.44 -25.64
C ALA D 145 1.58 -19.95 -24.95
N ILE D 146 0.80 -19.02 -24.43
CA ILE D 146 -0.40 -19.34 -23.70
C ILE D 146 -1.44 -20.00 -24.61
N LEU D 147 -1.24 -19.88 -25.91
CA LEU D 147 -2.16 -20.49 -26.87
C LEU D 147 -1.69 -21.85 -27.35
N GLU D 148 -0.38 -22.05 -27.45
CA GLU D 148 0.15 -23.22 -28.16
C GLU D 148 0.36 -24.43 -27.27
N SER D 149 0.02 -24.29 -25.99
CA SER D 149 -0.07 -25.46 -25.10
C SER D 149 -1.16 -25.26 -24.05
N ASP D 150 -2.17 -26.13 -24.08
CA ASP D 150 -3.28 -26.10 -23.12
C ASP D 150 -2.72 -26.32 -21.71
N GLU D 151 -1.67 -27.14 -21.58
CA GLU D 151 -1.11 -27.45 -20.26
C GLU D 151 -0.55 -26.20 -19.57
N ALA D 152 0.34 -25.50 -20.25
CA ALA D 152 0.94 -24.29 -19.68
C ALA D 152 -0.17 -23.33 -19.29
N ARG D 153 -1.25 -23.37 -20.06
CA ARG D 153 -2.38 -22.48 -19.83
C ARG D 153 -3.08 -22.85 -18.54
N GLU D 154 -3.50 -24.10 -18.44
CA GLU D 154 -4.16 -24.56 -17.23
C GLU D 154 -3.28 -24.30 -16.01
N LYS D 155 -1.99 -24.60 -16.14
CA LYS D 155 -1.05 -24.34 -15.05
C LYS D 155 -1.04 -22.87 -14.64
N VAL D 156 -0.72 -21.98 -15.58
CA VAL D 156 -0.61 -20.57 -15.22
C VAL D 156 -1.93 -20.05 -14.68
N VAL D 157 -3.01 -20.32 -15.41
CA VAL D 157 -4.33 -19.88 -15.00
C VAL D 157 -4.64 -20.35 -13.58
N ARG D 158 -4.36 -21.62 -13.31
CA ARG D 158 -4.59 -22.17 -11.99
C ARG D 158 -3.76 -21.45 -10.92
N GLU D 159 -2.45 -21.33 -11.15
CA GLU D 159 -1.57 -20.69 -10.18
C GLU D 159 -1.92 -19.21 -10.00
N VAL D 160 -2.36 -18.59 -11.08
CA VAL D 160 -2.72 -17.19 -11.08
C VAL D 160 -3.99 -17.01 -10.29
N LEU D 161 -4.94 -17.92 -10.49
CA LEU D 161 -6.19 -17.92 -9.73
C LEU D 161 -5.96 -18.31 -8.29
N ASN D 162 -4.90 -19.07 -8.03
CA ASN D 162 -4.57 -19.48 -6.66
C ASN D 162 -4.02 -18.35 -5.77
N LEU D 163 -3.61 -17.23 -6.37
CA LEU D 163 -3.16 -16.09 -5.58
C LEU D 163 -4.34 -15.43 -4.88
N ASP D 164 -5.55 -15.71 -5.36
CA ASP D 164 -6.77 -15.22 -4.68
C ASP D 164 -6.80 -15.66 -3.23
N THR D 183 -18.09 -31.61 8.63
CA THR D 183 -19.49 -31.61 8.19
C THR D 183 -19.57 -31.58 6.66
N GLU D 184 -20.59 -32.22 6.12
CA GLU D 184 -20.75 -32.31 4.68
C GLU D 184 -21.18 -30.96 4.09
N GLU D 185 -22.16 -30.32 4.74
CA GLU D 185 -22.72 -29.07 4.25
C GLU D 185 -21.67 -27.99 4.03
N LEU D 186 -20.78 -27.81 5.00
CA LEU D 186 -19.76 -26.76 4.89
C LEU D 186 -18.75 -27.07 3.79
N ILE D 187 -18.34 -28.33 3.69
CA ILE D 187 -17.45 -28.74 2.60
C ILE D 187 -18.11 -28.44 1.26
N GLU D 188 -19.38 -28.82 1.14
CA GLU D 188 -20.13 -28.57 -0.09
C GLU D 188 -20.23 -27.07 -0.41
N LYS D 189 -20.60 -26.29 0.60
CA LYS D 189 -20.77 -24.84 0.40
C LYS D 189 -19.46 -24.21 -0.03
N VAL D 190 -18.39 -24.54 0.69
CA VAL D 190 -17.06 -24.05 0.35
C VAL D 190 -16.67 -24.45 -1.07
N LYS D 191 -16.81 -25.73 -1.40
CA LYS D 191 -16.46 -26.19 -2.75
C LYS D 191 -17.24 -25.44 -3.85
N LYS D 192 -18.58 -25.37 -3.70
CA LYS D 192 -19.41 -24.69 -4.69
C LYS D 192 -18.99 -23.22 -4.81
N TYR D 193 -18.72 -22.60 -3.67
CA TYR D 193 -18.29 -21.20 -3.67
C TYR D 193 -16.95 -20.98 -4.36
N LYS D 194 -15.99 -21.85 -4.07
CA LYS D 194 -14.69 -21.80 -4.75
C LYS D 194 -14.87 -21.92 -6.25
N ALA D 195 -15.64 -22.94 -6.66
CA ALA D 195 -15.91 -23.11 -8.10
C ALA D 195 -16.45 -21.81 -8.68
N LEU D 196 -17.51 -21.29 -8.05
CA LEU D 196 -18.10 -20.03 -8.50
C LEU D 196 -17.05 -18.90 -8.64
N ALA D 197 -16.23 -18.71 -7.61
CA ALA D 197 -15.19 -17.68 -7.65
C ALA D 197 -14.26 -17.85 -8.85
N ARG D 198 -13.84 -19.10 -9.08
CA ARG D 198 -13.01 -19.42 -10.26
C ARG D 198 -13.70 -19.07 -11.60
N GLU D 199 -14.93 -19.56 -11.76
CA GLU D 199 -15.66 -19.27 -12.99
C GLU D 199 -15.75 -17.76 -13.18
N ALA D 200 -16.01 -17.04 -12.09
CA ALA D 200 -16.06 -15.59 -12.17
C ALA D 200 -14.72 -14.99 -12.65
N ALA D 201 -13.62 -15.47 -12.07
CA ALA D 201 -12.29 -15.02 -12.51
C ALA D 201 -12.08 -15.24 -14.02
N LEU D 202 -12.35 -16.46 -14.48
CA LEU D 202 -12.11 -16.78 -15.89
C LEU D 202 -13.05 -15.99 -16.81
N SER D 203 -14.29 -15.78 -16.37
CA SER D 203 -15.24 -14.97 -17.11
CA SER D 203 -15.22 -14.99 -17.14
C SER D 203 -14.74 -13.54 -17.23
N LYS D 204 -14.25 -12.99 -16.12
CA LYS D 204 -13.68 -11.64 -16.16
C LYS D 204 -12.50 -11.55 -17.14
N ILE D 205 -11.57 -12.50 -17.03
CA ILE D 205 -10.45 -12.56 -17.99
C ILE D 205 -10.99 -12.63 -19.43
N GLY D 206 -12.02 -13.46 -19.63
CA GLY D 206 -12.62 -13.60 -20.94
C GLY D 206 -13.27 -12.32 -21.41
N GLU D 207 -13.89 -11.59 -20.50
CA GLU D 207 -14.57 -10.33 -20.83
C GLU D 207 -13.54 -9.33 -21.35
N LEU D 208 -12.46 -9.19 -20.59
CA LEU D 208 -11.39 -8.28 -21.00
C LEU D 208 -10.75 -8.69 -22.33
N ALA D 209 -10.38 -9.97 -22.42
CA ALA D 209 -9.75 -10.46 -23.64
C ALA D 209 -10.71 -10.24 -24.83
N SER D 210 -12.00 -10.44 -24.59
CA SER D 210 -12.99 -10.26 -25.65
C SER D 210 -12.98 -8.81 -26.14
N GLU D 211 -13.08 -7.88 -25.19
CA GLU D 211 -13.01 -6.46 -25.54
C GLU D 211 -11.76 -6.11 -26.39
N ILE D 212 -10.61 -6.55 -25.89
CA ILE D 212 -9.37 -6.18 -26.56
C ILE D 212 -9.24 -6.84 -27.95
N PHE D 213 -9.57 -8.13 -28.03
CA PHE D 213 -9.51 -8.84 -29.31
C PHE D 213 -10.52 -8.29 -30.31
N ALA D 214 -11.71 -7.94 -29.84
CA ALA D 214 -12.71 -7.35 -30.73
C ALA D 214 -12.21 -6.00 -31.25
N GLU D 215 -11.53 -5.23 -30.38
CA GLU D 215 -10.93 -3.98 -30.86
C GLU D 215 -9.83 -4.23 -31.90
N PHE D 216 -8.90 -5.12 -31.58
CA PHE D 216 -7.81 -5.48 -32.49
C PHE D 216 -8.33 -5.87 -33.87
N THR D 217 -9.43 -6.62 -33.93
CA THR D 217 -9.91 -7.24 -35.18
C THR D 217 -11.17 -6.60 -35.74
N GLU D 218 -11.47 -5.38 -35.28
CA GLU D 218 -12.66 -4.65 -35.72
C GLU D 218 -13.92 -5.50 -35.70
N GLY D 219 -14.08 -6.31 -34.65
CA GLY D 219 -15.30 -7.07 -34.46
C GLY D 219 -15.39 -8.35 -35.27
N LYS D 220 -14.32 -8.70 -35.99
CA LYS D 220 -14.29 -9.93 -36.77
C LYS D 220 -14.48 -11.15 -35.85
N TYR D 221 -13.82 -11.11 -34.69
CA TYR D 221 -14.05 -12.09 -33.63
C TYR D 221 -14.72 -11.39 -32.45
N SER D 222 -15.93 -11.83 -32.11
CA SER D 222 -16.76 -11.08 -31.17
C SER D 222 -16.55 -11.45 -29.71
N GLU D 223 -15.90 -12.57 -29.46
CA GLU D 223 -15.65 -13.02 -28.10
C GLU D 223 -14.42 -13.94 -28.03
N VAL D 224 -13.72 -13.85 -26.90
CA VAL D 224 -12.66 -14.78 -26.52
C VAL D 224 -13.21 -15.60 -25.35
N VAL D 225 -13.31 -16.92 -25.54
CA VAL D 225 -13.92 -17.77 -24.52
C VAL D 225 -12.83 -18.51 -23.78
N VAL D 226 -12.85 -18.37 -22.45
CA VAL D 226 -11.89 -19.03 -21.59
C VAL D 226 -12.70 -19.84 -20.60
N ARG D 227 -12.61 -21.15 -20.67
CA ARG D 227 -13.57 -21.97 -19.93
C ARG D 227 -12.91 -23.18 -19.29
N ALA D 228 -13.07 -23.32 -17.99
CA ALA D 228 -12.52 -24.47 -17.29
C ALA D 228 -13.43 -25.67 -17.52
N GLU D 229 -12.81 -26.78 -17.87
CA GLU D 229 -13.53 -28.05 -17.98
C GLU D 229 -12.70 -29.11 -17.27
N GLU D 230 -13.10 -29.40 -16.04
CA GLU D 230 -12.36 -30.29 -15.16
C GLU D 230 -10.91 -29.80 -14.99
N ASN D 231 -9.93 -30.58 -15.42
CA ASN D 231 -8.53 -30.19 -15.29
C ASN D 231 -7.98 -29.49 -16.54
N LYS D 232 -8.87 -28.92 -17.35
CA LYS D 232 -8.49 -28.24 -18.59
C LYS D 232 -9.08 -26.82 -18.62
N VAL D 233 -8.31 -25.88 -19.15
CA VAL D 233 -8.81 -24.54 -19.39
C VAL D 233 -8.85 -24.32 -20.89
N ARG D 234 -10.05 -24.37 -21.45
CA ARG D 234 -10.23 -24.17 -22.89
C ARG D 234 -10.11 -22.70 -23.27
N LEU D 235 -9.75 -22.49 -24.52
CA LEU D 235 -9.61 -21.16 -25.08
C LEU D 235 -10.15 -21.21 -26.51
N PHE D 236 -11.24 -20.50 -26.78
CA PHE D 236 -11.85 -20.50 -28.12
C PHE D 236 -12.02 -19.07 -28.60
N VAL D 237 -12.26 -18.90 -29.90
CA VAL D 237 -12.67 -17.59 -30.43
C VAL D 237 -14.07 -17.72 -31.02
N VAL D 238 -14.90 -16.68 -30.88
CA VAL D 238 -16.23 -16.68 -31.49
C VAL D 238 -16.20 -15.92 -32.84
N TRP D 239 -16.58 -16.63 -33.90
CA TRP D 239 -16.64 -16.06 -35.25
C TRP D 239 -17.97 -16.45 -35.85
N GLU D 240 -18.73 -15.45 -36.29
N GLU D 240 -18.70 -15.45 -36.33
CA GLU D 240 -20.06 -15.67 -36.85
CA GLU D 240 -20.07 -15.63 -36.83
C GLU D 240 -20.91 -16.47 -35.88
C GLU D 240 -20.87 -16.48 -35.87
N GLY D 241 -20.87 -16.08 -34.61
CA GLY D 241 -21.78 -16.61 -33.62
C GLY D 241 -21.47 -17.95 -32.96
N LYS D 242 -20.36 -18.60 -33.32
CA LYS D 242 -20.03 -19.90 -32.76
C LYS D 242 -18.58 -20.02 -32.32
N GLU D 243 -18.34 -20.82 -31.28
CA GLU D 243 -16.97 -21.06 -30.84
C GLU D 243 -16.17 -21.74 -31.94
N ARG D 244 -14.94 -21.28 -32.17
CA ARG D 244 -14.02 -21.87 -33.15
C ARG D 244 -12.69 -22.16 -32.46
N PRO D 245 -12.00 -23.22 -32.91
CA PRO D 245 -10.67 -23.50 -32.40
C PRO D 245 -9.63 -22.49 -32.87
N LEU D 246 -8.51 -22.47 -32.18
CA LEU D 246 -7.50 -21.45 -32.40
C LEU D 246 -6.83 -21.56 -33.77
N THR D 247 -6.78 -22.78 -34.30
CA THR D 247 -6.34 -23.03 -35.67
C THR D 247 -7.13 -22.22 -36.72
N PHE D 248 -8.31 -21.73 -36.35
CA PHE D 248 -9.11 -20.92 -37.24
C PHE D 248 -8.36 -19.59 -37.53
N LEU D 249 -7.55 -19.13 -36.59
CA LEU D 249 -6.96 -17.81 -36.73
C LEU D 249 -5.84 -17.79 -37.74
N SER D 250 -5.56 -16.62 -38.31
CA SER D 250 -4.34 -16.40 -39.09
C SER D 250 -3.15 -16.13 -38.14
N GLY D 251 -1.93 -16.06 -38.67
CA GLY D 251 -0.73 -15.82 -37.85
C GLY D 251 -0.76 -14.49 -37.05
N GLY D 252 -1.02 -13.41 -37.77
CA GLY D 252 -1.23 -12.10 -37.16
C GLY D 252 -2.33 -12.13 -36.11
N GLU D 253 -3.40 -12.83 -36.44
CA GLU D 253 -4.51 -12.95 -35.52
C GLU D 253 -4.12 -13.71 -34.26
N ARG D 254 -3.34 -14.77 -34.40
CA ARG D 254 -2.77 -15.46 -33.23
C ARG D 254 -1.97 -14.50 -32.35
N ILE D 255 -1.15 -13.66 -32.99
CA ILE D 255 -0.41 -12.66 -32.20
C ILE D 255 -1.38 -11.69 -31.46
N ALA D 256 -2.40 -11.22 -32.17
CA ALA D 256 -3.37 -10.33 -31.55
C ALA D 256 -4.10 -11.01 -30.36
N LEU D 257 -4.47 -12.27 -30.54
CA LEU D 257 -5.13 -13.00 -29.49
C LEU D 257 -4.21 -13.17 -28.27
N GLY D 258 -2.95 -13.60 -28.52
CA GLY D 258 -1.97 -13.68 -27.45
C GLY D 258 -1.88 -12.39 -26.63
N LEU D 259 -1.74 -11.26 -27.34
CA LEU D 259 -1.68 -9.98 -26.63
C LEU D 259 -2.95 -9.67 -25.83
N ALA D 260 -4.11 -9.89 -26.44
CA ALA D 260 -5.38 -9.67 -25.75
C ALA D 260 -5.47 -10.49 -24.45
N PHE D 261 -5.12 -11.78 -24.55
CA PHE D 261 -5.18 -12.64 -23.38
C PHE D 261 -4.21 -12.20 -22.28
N GLU D 262 -2.97 -11.91 -22.68
N GLU D 262 -2.96 -11.91 -22.66
CA GLU D 262 -1.96 -11.47 -21.71
CA GLU D 262 -1.98 -11.49 -21.66
C GLU D 262 -2.36 -10.18 -21.01
C GLU D 262 -2.36 -10.17 -21.00
N LEU D 263 -2.82 -9.20 -21.79
CA LEU D 263 -3.27 -7.94 -21.22
C LEU D 263 -4.45 -8.16 -20.31
N ALA D 264 -5.38 -9.02 -20.75
CA ALA D 264 -6.57 -9.33 -19.96
C ALA D 264 -6.17 -9.89 -18.60
N MET D 265 -5.26 -10.86 -18.62
CA MET D 265 -4.84 -11.43 -17.36
C MET D 265 -4.09 -10.40 -16.50
N SER D 266 -3.29 -9.54 -17.12
N SER D 266 -3.29 -9.55 -17.14
CA SER D 266 -2.64 -8.49 -16.37
CA SER D 266 -2.63 -8.48 -16.41
C SER D 266 -3.63 -7.49 -15.76
C SER D 266 -3.63 -7.51 -15.76
N LEU D 267 -4.68 -7.15 -16.49
CA LEU D 267 -5.69 -6.25 -15.95
C LEU D 267 -6.44 -6.93 -14.82
N TYR D 268 -6.74 -8.22 -14.96
CA TYR D 268 -7.34 -8.95 -13.84
C TYR D 268 -6.46 -8.94 -12.58
N LEU D 269 -5.15 -8.88 -12.78
CA LEU D 269 -4.20 -8.95 -11.68
C LEU D 269 -3.62 -7.58 -11.32
N ALA D 270 -4.29 -6.52 -11.78
CA ALA D 270 -3.74 -5.16 -11.72
C ALA D 270 -3.47 -4.70 -10.29
N GLY D 271 -4.24 -5.25 -9.35
CA GLY D 271 -4.11 -4.87 -7.95
C GLY D 271 -3.21 -5.79 -7.15
N GLU D 272 -3.02 -7.01 -7.65
CA GLU D 272 -2.19 -8.00 -6.97
C GLU D 272 -0.73 -7.96 -7.46
N ILE D 273 -0.54 -7.90 -8.78
CA ILE D 273 0.79 -7.92 -9.38
C ILE D 273 1.17 -6.56 -9.97
N SER D 274 0.27 -5.95 -10.76
CA SER D 274 0.42 -4.55 -11.17
C SER D 274 1.59 -4.26 -12.13
N LEU D 275 2.24 -5.33 -12.61
CA LEU D 275 3.40 -5.22 -13.48
C LEU D 275 3.26 -6.11 -14.70
N LEU D 276 3.43 -5.53 -15.89
CA LEU D 276 3.58 -6.32 -17.10
C LEU D 276 4.85 -5.92 -17.83
N ILE D 277 5.60 -6.95 -18.25
CA ILE D 277 6.83 -6.76 -19.00
C ILE D 277 6.67 -7.50 -20.32
N LEU D 278 6.63 -6.73 -21.40
CA LEU D 278 6.27 -7.26 -22.71
C LEU D 278 7.37 -6.94 -23.74
N ASP D 279 7.97 -7.98 -24.30
CA ASP D 279 8.91 -7.76 -25.39
C ASP D 279 8.12 -7.60 -26.70
N GLU D 280 8.82 -7.45 -27.81
CA GLU D 280 8.28 -7.10 -29.13
C GLU D 280 6.83 -7.60 -29.41
N PRO D 281 5.86 -6.68 -29.37
CA PRO D 281 4.45 -7.00 -29.59
C PRO D 281 4.03 -6.94 -31.05
N THR D 282 4.95 -6.67 -31.97
CA THR D 282 4.57 -6.47 -33.38
C THR D 282 4.80 -7.59 -34.39
N PRO D 283 5.33 -8.75 -33.99
CA PRO D 283 5.58 -9.67 -35.11
C PRO D 283 4.30 -10.11 -35.82
N TYR D 284 4.37 -10.21 -37.15
CA TYR D 284 3.29 -10.68 -38.00
C TYR D 284 2.12 -9.71 -38.13
N LEU D 285 2.16 -8.59 -37.41
CA LEU D 285 1.10 -7.60 -37.47
C LEU D 285 1.25 -6.70 -38.71
N ASP D 286 0.15 -6.51 -39.43
CA ASP D 286 0.14 -5.63 -40.57
C ASP D 286 -0.03 -4.20 -40.08
N GLU D 287 -0.05 -3.23 -40.99
CA GLU D 287 -0.15 -1.82 -40.64
C GLU D 287 -1.39 -1.46 -39.76
N GLU D 288 -2.59 -1.86 -40.18
CA GLU D 288 -3.81 -1.63 -39.40
C GLU D 288 -3.69 -2.18 -37.96
N ARG D 289 -3.22 -3.42 -37.83
CA ARG D 289 -3.05 -4.00 -36.49
C ARG D 289 -2.03 -3.21 -35.65
N ARG D 290 -0.96 -2.75 -36.28
CA ARG D 290 0.04 -1.95 -35.57
C ARG D 290 -0.60 -0.62 -35.13
N ARG D 291 -1.43 -0.04 -35.99
CA ARG D 291 -2.20 1.16 -35.64
C ARG D 291 -3.14 0.86 -34.46
N LYS D 292 -3.79 -0.31 -34.48
CA LYS D 292 -4.68 -0.69 -33.38
C LYS D 292 -3.93 -0.94 -32.08
N LEU D 293 -2.69 -1.43 -32.19
CA LEU D 293 -1.84 -1.58 -31.02
C LEU D 293 -1.70 -0.28 -30.22
N ILE D 294 -1.53 0.84 -30.91
CA ILE D 294 -1.41 2.15 -30.26
C ILE D 294 -2.68 2.46 -29.45
N THR D 295 -3.83 2.24 -30.09
CA THR D 295 -5.10 2.41 -29.41
C THR D 295 -5.16 1.51 -28.18
N ILE D 296 -4.70 0.28 -28.34
CA ILE D 296 -4.70 -0.67 -27.23
C ILE D 296 -3.74 -0.24 -26.10
N MET D 297 -2.63 0.39 -26.48
CA MET D 297 -1.73 0.98 -25.48
C MET D 297 -2.48 2.04 -24.71
N GLU D 298 -3.11 2.96 -25.44
CA GLU D 298 -3.80 4.07 -24.80
C GLU D 298 -4.93 3.59 -23.91
N ARG D 299 -5.67 2.59 -24.40
CA ARG D 299 -6.95 2.24 -23.79
C ARG D 299 -6.83 1.24 -22.64
N TYR D 300 -5.92 0.28 -22.75
CA TYR D 300 -5.81 -0.84 -21.81
C TYR D 300 -4.48 -0.87 -21.06
N LEU D 301 -3.39 -0.82 -21.80
CA LEU D 301 -2.06 -0.88 -21.20
C LEU D 301 -1.85 0.24 -20.17
N LYS D 302 -2.51 1.37 -20.38
CA LYS D 302 -2.40 2.49 -19.43
C LYS D 302 -3.20 2.26 -18.14
N LYS D 303 -3.97 1.16 -18.08
CA LYS D 303 -4.72 0.81 -16.88
C LYS D 303 -3.95 -0.17 -15.96
N ILE D 304 -2.81 -0.66 -16.44
CA ILE D 304 -1.90 -1.48 -15.63
C ILE D 304 -0.89 -0.53 -14.97
N PRO D 305 -0.73 -0.58 -13.63
CA PRO D 305 0.07 0.48 -13.00
C PRO D 305 1.50 0.64 -13.55
N GLN D 306 2.20 -0.47 -13.82
CA GLN D 306 3.49 -0.40 -14.47
C GLN D 306 3.59 -1.37 -15.63
N VAL D 307 3.99 -0.83 -16.76
CA VAL D 307 4.29 -1.63 -17.95
C VAL D 307 5.67 -1.29 -18.47
N ILE D 308 6.45 -2.33 -18.75
CA ILE D 308 7.70 -2.17 -19.44
C ILE D 308 7.55 -2.84 -20.80
N LEU D 309 7.65 -2.06 -21.85
CA LEU D 309 7.37 -2.51 -23.19
C LEU D 309 8.58 -2.23 -24.05
N VAL D 310 8.99 -3.22 -24.82
CA VAL D 310 10.17 -3.13 -25.67
C VAL D 310 9.72 -3.28 -27.11
N SER D 311 10.25 -2.47 -28.01
CA SER D 311 9.91 -2.57 -29.43
C SER D 311 10.93 -1.84 -30.31
N HIS D 312 11.02 -2.26 -31.57
CA HIS D 312 11.73 -1.49 -32.59
C HIS D 312 10.78 -0.49 -33.27
N ASP D 313 9.48 -0.55 -32.94
CA ASP D 313 8.44 0.20 -33.65
C ASP D 313 8.27 1.64 -33.14
N GLU D 314 8.91 2.58 -33.82
CA GLU D 314 8.93 3.99 -33.43
C GLU D 314 7.53 4.62 -33.18
N GLU D 315 6.53 4.12 -33.90
CA GLU D 315 5.18 4.68 -33.82
C GLU D 315 4.56 4.52 -32.44
N LEU D 316 5.07 3.56 -31.69
CA LEU D 316 4.61 3.36 -30.31
C LEU D 316 5.08 4.49 -29.36
N LYS D 317 6.08 5.29 -29.76
CA LYS D 317 6.68 6.24 -28.82
C LYS D 317 5.67 7.20 -28.18
N ASP D 318 4.78 7.72 -29.00
CA ASP D 318 3.88 8.73 -28.50
C ASP D 318 2.76 8.14 -27.64
N ALA D 319 2.66 6.80 -27.55
CA ALA D 319 1.62 6.22 -26.71
C ALA D 319 2.16 5.84 -25.32
N ALA D 320 3.47 5.93 -25.14
CA ALA D 320 4.09 5.57 -23.87
C ALA D 320 4.12 6.79 -22.92
N ASP D 321 4.22 6.55 -21.61
CA ASP D 321 4.34 7.64 -20.64
C ASP D 321 5.82 8.03 -20.49
N HIS D 322 6.70 7.04 -20.56
CA HIS D 322 8.14 7.27 -20.54
C HIS D 322 8.82 6.51 -21.68
N VAL D 323 9.83 7.12 -22.27
CA VAL D 323 10.53 6.53 -23.39
C VAL D 323 12.04 6.52 -23.14
N ILE D 324 12.62 5.34 -23.25
CA ILE D 324 14.06 5.18 -23.16
C ILE D 324 14.55 4.62 -24.47
N ARG D 325 15.54 5.30 -25.05
CA ARG D 325 16.07 4.89 -26.32
C ARG D 325 17.39 4.19 -26.12
N ILE D 326 17.52 3.04 -26.75
CA ILE D 326 18.78 2.30 -26.71
C ILE D 326 19.34 2.17 -28.11
N SER D 327 20.65 2.30 -28.22
CA SER D 327 21.33 2.09 -29.49
C SER D 327 22.68 1.47 -29.25
N LEU D 328 23.33 1.06 -30.33
CA LEU D 328 24.62 0.42 -30.25
C LEU D 328 25.73 1.35 -30.73
N GLU D 329 26.66 1.66 -29.85
CA GLU D 329 27.89 2.34 -30.23
C GLU D 329 29.12 1.49 -29.88
N ASN D 330 29.96 1.26 -30.88
CA ASN D 330 31.21 0.56 -30.70
C ASN D 330 31.06 -0.74 -29.90
N GLY D 331 30.02 -1.50 -30.22
CA GLY D 331 29.82 -2.82 -29.65
C GLY D 331 29.19 -2.80 -28.27
N SER D 332 28.69 -1.63 -27.86
CA SER D 332 28.06 -1.49 -26.55
C SER D 332 26.78 -0.68 -26.62
N SER D 333 25.79 -1.10 -25.84
CA SER D 333 24.51 -0.39 -25.78
C SER D 333 24.66 0.96 -25.08
N LYS D 334 23.94 1.95 -25.61
CA LYS D 334 23.90 3.29 -25.06
C LYS D 334 22.44 3.59 -24.81
N VAL D 335 22.15 3.97 -23.57
CA VAL D 335 20.81 4.24 -23.08
C VAL D 335 20.60 5.73 -22.89
N GLU D 336 19.53 6.26 -23.48
CA GLU D 336 19.23 7.68 -23.43
C GLU D 336 17.79 7.87 -22.96
N VAL D 337 17.62 8.68 -21.93
CA VAL D 337 16.29 8.93 -21.37
C VAL D 337 15.59 10.04 -22.14
N VAL D 338 14.64 9.65 -22.98
CA VAL D 338 13.90 10.60 -23.79
C VAL D 338 12.85 11.31 -22.96
N SER D 339 12.14 10.55 -22.13
CA SER D 339 11.11 11.11 -21.28
C SER D 339 10.78 10.09 -20.17
#